data_6BTV
#
_entry.id   6BTV
#
_entity_poly.entity_id   1
_entity_poly.type   'polypeptide(L)'
_entity_poly.pdbx_seq_one_letter_code
;DCLGWFKSCDPKNDKCCKNYTCSRRDRWCKYYL(NH2)
;
_entity_poly.pdbx_strand_id   A
#
loop_
_chem_comp.id
_chem_comp.type
_chem_comp.name
_chem_comp.formula
NH2 non-polymer 'AMINO GROUP' 'H2 N'
#
# COMPACT_ATOMS: atom_id res chain seq x y z
N ASP A 1 6.09 -10.65 -2.57
CA ASP A 1 5.68 -9.77 -3.66
C ASP A 1 5.22 -8.48 -3.07
N CYS A 2 4.95 -7.53 -3.91
CA CYS A 2 4.46 -6.28 -3.45
C CYS A 2 3.36 -5.77 -4.34
N LEU A 3 2.85 -4.65 -4.00
CA LEU A 3 1.77 -4.05 -4.68
C LEU A 3 2.28 -2.83 -5.37
N GLY A 4 1.46 -2.26 -6.18
CA GLY A 4 1.82 -1.06 -6.83
C GLY A 4 1.11 0.11 -6.22
N TRP A 5 -0.02 0.50 -6.78
CA TRP A 5 -0.73 1.58 -6.25
C TRP A 5 -2.14 1.19 -5.82
N PHE A 6 -3.02 1.15 -6.74
CA PHE A 6 -4.46 0.98 -6.45
C PHE A 6 -4.84 -0.46 -6.10
N LYS A 7 -3.87 -1.25 -5.74
CA LYS A 7 -4.14 -2.58 -5.33
C LYS A 7 -4.51 -2.53 -3.87
N SER A 8 -5.48 -3.30 -3.52
CA SER A 8 -6.00 -3.31 -2.22
C SER A 8 -5.00 -3.94 -1.26
N CYS A 9 -4.90 -3.35 -0.13
CA CYS A 9 -3.98 -3.76 0.86
C CYS A 9 -4.60 -3.54 2.20
N ASP A 10 -3.89 -3.88 3.19
CA ASP A 10 -4.34 -3.77 4.52
C ASP A 10 -3.19 -3.25 5.32
N PRO A 11 -3.37 -2.15 6.04
CA PRO A 11 -2.29 -1.50 6.83
C PRO A 11 -1.60 -2.42 7.84
N LYS A 12 -2.32 -3.42 8.29
CA LYS A 12 -1.81 -4.35 9.28
C LYS A 12 -1.06 -5.49 8.60
N ASN A 13 -1.20 -5.56 7.32
CA ASN A 13 -0.63 -6.60 6.53
C ASN A 13 -0.14 -6.00 5.23
N ASP A 14 0.60 -4.92 5.39
CA ASP A 14 1.15 -4.13 4.28
C ASP A 14 1.99 -5.01 3.38
N LYS A 15 1.73 -4.88 2.11
CA LYS A 15 2.42 -5.62 1.08
C LYS A 15 2.99 -4.66 0.06
N CYS A 16 3.28 -3.48 0.48
CA CYS A 16 3.77 -2.47 -0.40
C CYS A 16 5.26 -2.55 -0.61
N CYS A 17 5.68 -2.13 -1.78
CA CYS A 17 7.06 -2.11 -2.11
C CYS A 17 7.69 -0.83 -1.61
N LYS A 18 8.86 -0.56 -2.07
CA LYS A 18 9.62 0.58 -1.67
C LYS A 18 8.92 1.85 -2.10
N ASN A 19 8.87 2.82 -1.17
CA ASN A 19 8.26 4.14 -1.41
C ASN A 19 6.76 4.10 -1.43
N TYR A 20 6.20 2.99 -1.05
CA TYR A 20 4.79 2.84 -0.95
C TYR A 20 4.44 2.29 0.41
N THR A 21 3.21 2.47 0.77
CA THR A 21 2.64 2.01 2.04
C THR A 21 1.15 2.05 1.86
N CYS A 22 0.48 1.04 2.26
CA CYS A 22 -0.90 1.00 2.03
C CYS A 22 -1.69 1.75 3.06
N SER A 23 -2.55 2.59 2.56
CA SER A 23 -3.38 3.44 3.34
C SER A 23 -4.58 2.63 3.83
N ARG A 24 -5.27 3.13 4.80
CA ARG A 24 -6.47 2.51 5.28
C ARG A 24 -7.64 3.38 4.80
N ARG A 25 -7.36 4.64 4.58
CA ARG A 25 -8.34 5.56 4.08
C ARG A 25 -8.71 5.14 2.67
N ASP A 26 -7.68 4.96 1.87
CA ASP A 26 -7.83 4.58 0.50
C ASP A 26 -7.76 3.06 0.34
N ARG A 27 -7.25 2.40 1.39
CA ARG A 27 -7.00 0.96 1.44
C ARG A 27 -6.15 0.41 0.28
N TRP A 28 -5.48 1.27 -0.45
CA TRP A 28 -4.61 0.85 -1.48
C TRP A 28 -3.18 1.17 -1.16
N CYS A 29 -2.29 0.69 -1.95
CA CYS A 29 -0.88 0.89 -1.77
C CYS A 29 -0.55 2.29 -2.24
N LYS A 30 -0.49 3.18 -1.31
CA LYS A 30 -0.37 4.55 -1.61
C LYS A 30 1.08 4.95 -1.57
N TYR A 31 1.45 5.87 -2.44
CA TYR A 31 2.81 6.32 -2.49
C TYR A 31 3.16 7.00 -1.19
N TYR A 32 4.21 6.57 -0.60
CA TYR A 32 4.64 7.06 0.65
C TYR A 32 5.61 8.17 0.43
N LEU A 33 5.22 9.32 0.86
CA LEU A 33 6.01 10.51 0.70
C LEU A 33 7.10 10.57 1.76
N NH2 A 34 8.25 10.05 1.44
HN1 NH2 A 34 8.34 9.69 0.53
HN2 NH2 A 34 8.96 10.03 2.12
N ASP A 1 7.15 -9.26 -7.48
CA ASP A 1 6.92 -9.24 -6.04
C ASP A 1 6.20 -7.96 -5.72
N CYS A 2 5.83 -7.79 -4.45
CA CYS A 2 5.17 -6.61 -3.91
C CYS A 2 3.88 -6.16 -4.61
N LEU A 3 3.28 -5.13 -4.08
CA LEU A 3 2.07 -4.58 -4.63
C LEU A 3 2.34 -3.16 -5.03
N GLY A 4 1.58 -2.67 -5.96
CA GLY A 4 1.70 -1.34 -6.38
C GLY A 4 0.56 -0.52 -5.88
N TRP A 5 0.38 0.64 -6.46
CA TRP A 5 -0.50 1.68 -5.95
C TRP A 5 -1.92 1.25 -5.77
N PHE A 6 -2.53 0.89 -6.81
CA PHE A 6 -3.95 0.67 -6.80
C PHE A 6 -4.33 -0.73 -6.37
N LYS A 7 -3.43 -1.38 -5.72
CA LYS A 7 -3.69 -2.68 -5.19
C LYS A 7 -4.15 -2.48 -3.78
N SER A 8 -5.07 -3.27 -3.37
CA SER A 8 -5.59 -3.18 -2.09
C SER A 8 -4.60 -3.74 -1.08
N CYS A 9 -4.51 -3.08 -0.01
CA CYS A 9 -3.62 -3.45 1.06
C CYS A 9 -4.27 -3.07 2.33
N ASP A 10 -3.72 -3.49 3.37
CA ASP A 10 -4.23 -3.25 4.67
C ASP A 10 -3.08 -2.95 5.58
N PRO A 11 -3.17 -1.90 6.40
CA PRO A 11 -2.10 -1.51 7.33
C PRO A 11 -1.61 -2.65 8.25
N LYS A 12 -2.48 -3.57 8.57
CA LYS A 12 -2.12 -4.68 9.44
C LYS A 12 -1.65 -5.86 8.64
N ASN A 13 -1.71 -5.75 7.34
CA ASN A 13 -1.29 -6.81 6.44
C ASN A 13 -0.52 -6.18 5.31
N ASP A 14 0.37 -5.28 5.70
CA ASP A 14 1.19 -4.53 4.75
C ASP A 14 1.95 -5.40 3.80
N LYS A 15 1.72 -5.16 2.56
CA LYS A 15 2.30 -5.89 1.50
C LYS A 15 2.81 -4.94 0.42
N CYS A 16 2.97 -3.67 0.79
CA CYS A 16 3.42 -2.65 -0.13
C CYS A 16 4.86 -2.84 -0.58
N CYS A 17 5.21 -2.17 -1.65
CA CYS A 17 6.52 -2.24 -2.19
C CYS A 17 7.34 -1.08 -1.66
N LYS A 18 8.44 -0.84 -2.29
CA LYS A 18 9.33 0.19 -1.90
C LYS A 18 8.77 1.53 -2.30
N ASN A 19 8.81 2.48 -1.35
CA ASN A 19 8.32 3.86 -1.52
C ASN A 19 6.81 3.92 -1.54
N TYR A 20 6.19 2.87 -1.08
CA TYR A 20 4.77 2.79 -0.96
C TYR A 20 4.40 2.41 0.45
N THR A 21 3.16 2.66 0.79
CA THR A 21 2.60 2.40 2.10
C THR A 21 1.08 2.42 1.92
N CYS A 22 0.41 1.47 2.42
CA CYS A 22 -0.98 1.39 2.18
C CYS A 22 -1.84 2.18 3.13
N SER A 23 -2.80 2.87 2.54
CA SER A 23 -3.74 3.72 3.19
C SER A 23 -4.81 2.86 3.85
N ARG A 24 -5.50 3.41 4.81
CA ARG A 24 -6.61 2.73 5.44
C ARG A 24 -7.87 3.40 4.92
N ARG A 25 -7.75 4.68 4.66
CA ARG A 25 -8.81 5.47 4.13
C ARG A 25 -9.21 4.93 2.78
N ASP A 26 -8.23 4.76 1.95
CA ASP A 26 -8.40 4.28 0.61
C ASP A 26 -8.15 2.79 0.53
N ARG A 27 -7.33 2.30 1.45
CA ARG A 27 -6.86 0.92 1.49
C ARG A 27 -6.10 0.49 0.23
N TRP A 28 -5.59 1.45 -0.50
CA TRP A 28 -4.71 1.14 -1.60
C TRP A 28 -3.29 1.37 -1.17
N CYS A 29 -2.37 0.89 -1.92
CA CYS A 29 -0.98 1.04 -1.61
C CYS A 29 -0.54 2.40 -2.12
N LYS A 30 -0.58 3.34 -1.25
CA LYS A 30 -0.39 4.71 -1.56
C LYS A 30 1.10 4.96 -1.66
N TYR A 31 1.49 5.92 -2.43
CA TYR A 31 2.87 6.26 -2.51
C TYR A 31 3.26 6.89 -1.19
N TYR A 32 4.41 6.56 -0.71
CA TYR A 32 4.88 7.07 0.53
C TYR A 32 5.55 8.41 0.32
N LEU A 33 4.96 9.41 0.88
CA LEU A 33 5.50 10.75 0.85
C LEU A 33 6.34 10.94 2.09
N NH2 A 34 7.60 10.62 1.99
HN1 NH2 A 34 7.92 10.31 1.12
HN2 NH2 A 34 8.17 10.72 2.78
N ASP A 1 6.42 -10.52 -1.77
CA ASP A 1 6.05 -9.82 -3.00
C ASP A 1 5.47 -8.50 -2.64
N CYS A 2 5.50 -7.55 -3.54
CA CYS A 2 4.93 -6.29 -3.23
C CYS A 2 3.90 -5.86 -4.24
N LEU A 3 3.19 -4.84 -3.89
CA LEU A 3 2.09 -4.36 -4.64
C LEU A 3 2.36 -2.96 -5.09
N GLY A 4 1.68 -2.55 -6.12
CA GLY A 4 1.77 -1.24 -6.55
C GLY A 4 0.56 -0.48 -6.09
N TRP A 5 0.37 0.68 -6.64
CA TRP A 5 -0.56 1.67 -6.17
C TRP A 5 -1.98 1.17 -6.05
N PHE A 6 -2.59 0.96 -7.15
CA PHE A 6 -4.01 0.63 -7.20
C PHE A 6 -4.28 -0.84 -6.95
N LYS A 7 -3.59 -1.37 -6.00
CA LYS A 7 -3.82 -2.68 -5.54
C LYS A 7 -4.34 -2.54 -4.14
N SER A 8 -5.13 -3.45 -3.72
CA SER A 8 -5.69 -3.39 -2.46
C SER A 8 -4.70 -3.91 -1.45
N CYS A 9 -4.50 -3.18 -0.43
CA CYS A 9 -3.60 -3.54 0.61
C CYS A 9 -4.20 -3.17 1.91
N ASP A 10 -3.60 -3.62 2.92
CA ASP A 10 -4.08 -3.34 4.23
C ASP A 10 -2.93 -2.96 5.10
N PRO A 11 -3.02 -1.83 5.82
CA PRO A 11 -1.94 -1.33 6.71
C PRO A 11 -1.41 -2.38 7.70
N LYS A 12 -2.27 -3.29 8.08
CA LYS A 12 -1.96 -4.33 9.04
C LYS A 12 -1.32 -5.51 8.36
N ASN A 13 -1.42 -5.55 7.07
CA ASN A 13 -1.01 -6.72 6.31
C ASN A 13 -0.29 -6.23 5.06
N ASP A 14 0.55 -5.22 5.31
CA ASP A 14 1.32 -4.47 4.29
C ASP A 14 2.05 -5.34 3.29
N LYS A 15 1.92 -4.96 2.05
CA LYS A 15 2.56 -5.61 0.96
C LYS A 15 3.09 -4.57 -0.02
N CYS A 16 3.23 -3.34 0.39
CA CYS A 16 3.67 -2.31 -0.52
C CYS A 16 5.13 -2.39 -0.88
N CYS A 17 5.42 -1.97 -2.10
CA CYS A 17 6.75 -1.87 -2.56
C CYS A 17 7.41 -0.67 -1.89
N LYS A 18 8.65 -0.46 -2.19
CA LYS A 18 9.39 0.61 -1.63
C LYS A 18 8.86 1.92 -2.19
N ASN A 19 8.79 2.94 -1.32
CA ASN A 19 8.34 4.31 -1.65
C ASN A 19 6.81 4.37 -1.74
N TYR A 20 6.21 3.29 -1.34
CA TYR A 20 4.79 3.16 -1.23
C TYR A 20 4.45 2.75 0.19
N THR A 21 3.19 2.87 0.55
CA THR A 21 2.66 2.45 1.84
C THR A 21 1.16 2.37 1.65
N CYS A 22 0.52 1.36 2.15
CA CYS A 22 -0.85 1.24 1.90
C CYS A 22 -1.71 1.94 2.91
N SER A 23 -2.62 2.72 2.38
CA SER A 23 -3.52 3.54 3.12
C SER A 23 -4.61 2.68 3.77
N ARG A 24 -5.28 3.24 4.74
CA ARG A 24 -6.40 2.60 5.39
C ARG A 24 -7.66 3.28 4.95
N ARG A 25 -7.55 4.56 4.69
CA ARG A 25 -8.65 5.35 4.21
C ARG A 25 -8.96 4.92 2.80
N ASP A 26 -7.92 4.84 2.02
CA ASP A 26 -8.02 4.50 0.65
C ASP A 26 -7.83 3.01 0.47
N ARG A 27 -7.06 2.39 1.38
CA ARG A 27 -6.67 0.98 1.32
C ARG A 27 -5.98 0.56 0.01
N TRP A 28 -5.44 1.51 -0.70
CA TRP A 28 -4.60 1.21 -1.83
C TRP A 28 -3.18 1.45 -1.43
N CYS A 29 -2.26 1.13 -2.26
CA CYS A 29 -0.88 1.32 -1.97
C CYS A 29 -0.48 2.73 -2.38
N LYS A 30 -0.52 3.60 -1.40
CA LYS A 30 -0.36 5.01 -1.57
C LYS A 30 1.11 5.35 -1.70
N TYR A 31 1.40 6.45 -2.36
CA TYR A 31 2.75 6.90 -2.55
C TYR A 31 3.25 7.47 -1.23
N TYR A 32 4.39 7.03 -0.79
CA TYR A 32 4.93 7.48 0.46
C TYR A 32 5.85 8.68 0.26
N LEU A 33 5.51 9.76 0.90
CA LEU A 33 6.29 10.97 0.88
C LEU A 33 6.97 11.16 2.23
N NH2 A 34 6.28 11.79 3.15
HN1 NH2 A 34 5.38 12.09 2.92
HN2 NH2 A 34 6.68 11.92 4.04
N ASP A 1 6.50 -10.98 -4.08
CA ASP A 1 5.98 -9.89 -4.90
C ASP A 1 5.33 -8.90 -4.00
N CYS A 2 5.23 -7.69 -4.44
CA CYS A 2 4.64 -6.66 -3.66
C CYS A 2 3.46 -6.05 -4.35
N LEU A 3 2.87 -5.10 -3.72
CA LEU A 3 1.71 -4.46 -4.22
C LEU A 3 2.05 -3.06 -4.59
N GLY A 4 1.58 -2.64 -5.73
CA GLY A 4 1.76 -1.31 -6.12
C GLY A 4 0.57 -0.51 -5.72
N TRP A 5 0.41 0.64 -6.32
CA TRP A 5 -0.51 1.65 -5.87
C TRP A 5 -1.94 1.19 -5.74
N PHE A 6 -2.53 0.94 -6.82
CA PHE A 6 -3.97 0.71 -6.88
C PHE A 6 -4.32 -0.75 -6.58
N LYS A 7 -3.50 -1.36 -5.80
CA LYS A 7 -3.71 -2.69 -5.36
C LYS A 7 -4.17 -2.60 -3.93
N SER A 8 -5.08 -3.43 -3.58
CA SER A 8 -5.67 -3.41 -2.31
C SER A 8 -4.72 -3.98 -1.29
N CYS A 9 -4.60 -3.30 -0.23
CA CYS A 9 -3.71 -3.69 0.81
C CYS A 9 -4.35 -3.46 2.14
N ASP A 10 -3.68 -3.87 3.16
CA ASP A 10 -4.17 -3.76 4.50
C ASP A 10 -3.12 -3.05 5.32
N PRO A 11 -3.49 -2.01 6.06
CA PRO A 11 -2.56 -1.18 6.84
C PRO A 11 -1.72 -1.95 7.86
N LYS A 12 -2.25 -3.04 8.31
CA LYS A 12 -1.62 -3.82 9.33
C LYS A 12 -0.89 -4.98 8.71
N ASN A 13 -1.08 -5.14 7.43
CA ASN A 13 -0.50 -6.23 6.71
C ASN A 13 0.00 -5.71 5.38
N ASP A 14 0.78 -4.65 5.48
CA ASP A 14 1.36 -3.97 4.33
C ASP A 14 2.17 -4.93 3.49
N LYS A 15 1.93 -4.89 2.22
CA LYS A 15 2.58 -5.74 1.26
C LYS A 15 3.11 -4.88 0.14
N CYS A 16 3.26 -3.63 0.41
CA CYS A 16 3.65 -2.65 -0.58
C CYS A 16 5.09 -2.72 -0.99
N CYS A 17 5.34 -2.25 -2.18
CA CYS A 17 6.65 -2.14 -2.72
C CYS A 17 7.35 -0.96 -2.08
N LYS A 18 8.55 -0.72 -2.49
CA LYS A 18 9.35 0.36 -2.00
C LYS A 18 8.73 1.68 -2.37
N ASN A 19 8.70 2.60 -1.39
CA ASN A 19 8.17 3.97 -1.55
C ASN A 19 6.67 4.01 -1.55
N TYR A 20 6.06 2.94 -1.15
CA TYR A 20 4.63 2.87 -1.04
C TYR A 20 4.27 2.30 0.31
N THR A 21 3.07 2.55 0.71
CA THR A 21 2.53 2.08 1.97
C THR A 21 1.02 2.16 1.85
N CYS A 22 0.36 1.18 2.30
CA CYS A 22 -1.03 1.14 2.10
C CYS A 22 -1.84 1.94 3.11
N SER A 23 -2.83 2.58 2.57
CA SER A 23 -3.71 3.43 3.29
C SER A 23 -4.88 2.60 3.80
N ARG A 24 -5.50 3.05 4.84
CA ARG A 24 -6.70 2.44 5.36
C ARG A 24 -7.88 3.26 4.93
N ARG A 25 -7.61 4.51 4.68
CA ARG A 25 -8.60 5.43 4.21
C ARG A 25 -8.99 5.01 2.82
N ASP A 26 -7.98 4.86 2.00
CA ASP A 26 -8.16 4.53 0.61
C ASP A 26 -8.09 3.03 0.41
N ARG A 27 -7.42 2.34 1.36
CA ARG A 27 -7.15 0.91 1.30
C ARG A 27 -6.29 0.46 0.11
N TRP A 28 -5.71 1.40 -0.59
CA TRP A 28 -4.79 1.09 -1.64
C TRP A 28 -3.39 1.38 -1.17
N CYS A 29 -2.44 1.01 -1.94
CA CYS A 29 -1.07 1.21 -1.62
C CYS A 29 -0.65 2.59 -2.10
N LYS A 30 -0.66 3.50 -1.20
CA LYS A 30 -0.49 4.88 -1.50
C LYS A 30 1.02 5.19 -1.50
N TYR A 31 1.44 6.11 -2.35
CA TYR A 31 2.84 6.48 -2.41
C TYR A 31 3.26 7.07 -1.08
N TYR A 32 4.32 6.59 -0.57
CA TYR A 32 4.82 7.03 0.68
C TYR A 32 5.82 8.12 0.45
N LEU A 33 5.61 9.22 1.10
CA LEU A 33 6.48 10.35 0.97
C LEU A 33 7.65 10.20 1.91
N NH2 A 34 8.66 9.50 1.46
HN1 NH2 A 34 8.59 9.16 0.55
HN2 NH2 A 34 9.43 9.35 2.06
N ASP A 1 4.95 -11.08 -4.09
CA ASP A 1 5.78 -9.87 -4.30
C ASP A 1 5.07 -8.70 -3.75
N CYS A 2 5.58 -7.53 -3.99
CA CYS A 2 4.98 -6.32 -3.49
C CYS A 2 3.76 -5.93 -4.30
N LEU A 3 3.08 -4.97 -3.79
CA LEU A 3 1.90 -4.46 -4.40
C LEU A 3 2.15 -3.03 -4.77
N GLY A 4 1.58 -2.61 -5.86
CA GLY A 4 1.75 -1.30 -6.31
C GLY A 4 0.62 -0.44 -5.85
N TRP A 5 0.55 0.72 -6.44
CA TRP A 5 -0.30 1.81 -6.01
C TRP A 5 -1.75 1.44 -5.83
N PHE A 6 -2.34 1.04 -6.87
CA PHE A 6 -3.77 0.79 -6.89
C PHE A 6 -4.11 -0.61 -6.45
N LYS A 7 -3.22 -1.23 -5.77
CA LYS A 7 -3.49 -2.52 -5.24
C LYS A 7 -3.93 -2.32 -3.84
N SER A 8 -4.90 -3.03 -3.48
CA SER A 8 -5.50 -2.90 -2.25
C SER A 8 -4.86 -3.83 -1.26
N CYS A 9 -4.51 -3.30 -0.17
CA CYS A 9 -4.00 -4.05 0.89
C CYS A 9 -4.46 -3.47 2.19
N ASP A 10 -4.12 -4.14 3.24
CA ASP A 10 -4.45 -3.71 4.55
C ASP A 10 -3.19 -3.28 5.17
N PRO A 11 -3.06 -2.03 5.59
CA PRO A 11 -1.88 -1.53 6.29
C PRO A 11 -1.45 -2.44 7.47
N LYS A 12 -2.40 -3.16 8.07
CA LYS A 12 -2.08 -4.07 9.16
C LYS A 12 -1.41 -5.35 8.65
N ASN A 13 -1.45 -5.55 7.37
CA ASN A 13 -0.85 -6.70 6.72
C ASN A 13 -0.25 -6.18 5.42
N ASP A 14 0.38 -5.03 5.56
CA ASP A 14 0.91 -4.24 4.44
C ASP A 14 1.87 -5.03 3.60
N LYS A 15 1.56 -5.06 2.35
CA LYS A 15 2.36 -5.77 1.38
C LYS A 15 2.81 -4.83 0.27
N CYS A 16 2.96 -3.57 0.62
CA CYS A 16 3.35 -2.54 -0.30
C CYS A 16 4.75 -2.66 -0.81
N CYS A 17 5.01 -2.04 -1.93
CA CYS A 17 6.30 -2.06 -2.52
C CYS A 17 7.11 -0.88 -2.03
N LYS A 18 8.16 -0.61 -2.72
CA LYS A 18 9.08 0.42 -2.37
C LYS A 18 8.44 1.79 -2.51
N ASN A 19 8.56 2.58 -1.45
CA ASN A 19 8.07 3.97 -1.38
C ASN A 19 6.53 4.00 -1.36
N TYR A 20 5.96 2.89 -0.97
CA TYR A 20 4.54 2.76 -0.84
C TYR A 20 4.15 2.30 0.54
N THR A 21 2.90 2.52 0.88
CA THR A 21 2.29 2.14 2.15
C THR A 21 0.78 2.18 1.95
N CYS A 22 0.09 1.14 2.29
CA CYS A 22 -1.30 1.15 2.14
C CYS A 22 -2.05 1.92 3.18
N SER A 23 -2.97 2.68 2.67
CA SER A 23 -3.80 3.56 3.42
C SER A 23 -5.06 2.80 3.81
N ARG A 24 -5.70 3.18 4.89
CA ARG A 24 -6.96 2.60 5.25
C ARG A 24 -8.08 3.39 4.62
N ARG A 25 -7.82 4.66 4.44
CA ARG A 25 -8.75 5.58 3.85
C ARG A 25 -9.03 5.16 2.41
N ASP A 26 -7.95 4.98 1.70
CA ASP A 26 -8.00 4.65 0.29
C ASP A 26 -7.98 3.13 0.09
N ARG A 27 -7.47 2.43 1.10
CA ARG A 27 -7.18 0.98 1.06
C ARG A 27 -6.25 0.55 -0.06
N TRP A 28 -5.65 1.49 -0.74
CA TRP A 28 -4.71 1.15 -1.75
C TRP A 28 -3.33 1.42 -1.25
N CYS A 29 -2.39 0.96 -1.97
CA CYS A 29 -1.03 1.10 -1.63
C CYS A 29 -0.58 2.49 -2.07
N LYS A 30 -0.68 3.40 -1.17
CA LYS A 30 -0.49 4.78 -1.44
C LYS A 30 0.99 5.10 -1.47
N TYR A 31 1.36 5.97 -2.40
CA TYR A 31 2.73 6.42 -2.55
C TYR A 31 3.09 7.19 -1.30
N TYR A 32 4.00 6.68 -0.54
CA TYR A 32 4.33 7.26 0.72
C TYR A 32 5.48 8.21 0.62
N LEU A 33 5.25 9.42 1.04
CA LEU A 33 6.28 10.43 1.07
C LEU A 33 7.20 10.13 2.26
N NH2 A 34 6.74 10.45 3.44
HN1 NH2 A 34 5.87 10.89 3.49
HN2 NH2 A 34 7.31 10.26 4.22
N ASP A 1 7.26 -10.60 -3.15
CA ASP A 1 6.43 -9.86 -4.10
C ASP A 1 5.74 -8.74 -3.34
N CYS A 2 5.22 -7.78 -4.05
CA CYS A 2 4.59 -6.65 -3.43
C CYS A 2 3.37 -6.21 -4.20
N LEU A 3 2.88 -5.06 -3.85
CA LEU A 3 1.74 -4.47 -4.46
C LEU A 3 2.19 -3.22 -5.15
N GLY A 4 1.37 -2.70 -6.04
CA GLY A 4 1.75 -1.54 -6.74
C GLY A 4 1.10 -0.28 -6.22
N TRP A 5 -0.12 0.00 -6.67
CA TRP A 5 -0.78 1.19 -6.29
C TRP A 5 -2.20 0.92 -5.84
N PHE A 6 -3.10 0.88 -6.78
CA PHE A 6 -4.54 0.80 -6.51
C PHE A 6 -5.00 -0.59 -6.07
N LYS A 7 -4.10 -1.36 -5.55
CA LYS A 7 -4.41 -2.66 -5.05
C LYS A 7 -4.79 -2.54 -3.61
N SER A 8 -5.71 -3.34 -3.20
CA SER A 8 -6.20 -3.33 -1.88
C SER A 8 -5.15 -3.90 -0.96
N CYS A 9 -4.98 -3.27 0.12
CA CYS A 9 -4.03 -3.69 1.10
C CYS A 9 -4.54 -3.42 2.47
N ASP A 10 -3.88 -3.97 3.39
CA ASP A 10 -4.25 -3.87 4.77
C ASP A 10 -3.13 -3.18 5.50
N PRO A 11 -3.41 -2.08 6.19
CA PRO A 11 -2.38 -1.27 6.90
C PRO A 11 -1.58 -2.05 7.94
N LYS A 12 -2.16 -3.12 8.44
CA LYS A 12 -1.53 -3.91 9.47
C LYS A 12 -0.68 -4.98 8.82
N ASN A 13 -0.91 -5.21 7.57
CA ASN A 13 -0.26 -6.26 6.85
C ASN A 13 0.19 -5.70 5.51
N ASP A 14 0.87 -4.58 5.60
CA ASP A 14 1.38 -3.87 4.42
C ASP A 14 2.23 -4.78 3.56
N LYS A 15 1.87 -4.84 2.31
CA LYS A 15 2.52 -5.68 1.34
C LYS A 15 3.03 -4.84 0.19
N CYS A 16 3.36 -3.62 0.47
CA CYS A 16 3.82 -2.72 -0.55
C CYS A 16 5.31 -2.79 -0.76
N CYS A 17 5.73 -2.32 -1.92
CA CYS A 17 7.13 -2.20 -2.25
C CYS A 17 7.64 -0.85 -1.78
N LYS A 18 8.84 -0.58 -2.16
CA LYS A 18 9.54 0.63 -1.83
C LYS A 18 8.82 1.86 -2.37
N ASN A 19 8.76 2.89 -1.52
CA ASN A 19 8.12 4.19 -1.82
C ASN A 19 6.62 4.13 -1.73
N TYR A 20 6.10 2.99 -1.35
CA TYR A 20 4.69 2.83 -1.20
C TYR A 20 4.37 2.16 0.10
N THR A 21 3.16 2.30 0.50
CA THR A 21 2.61 1.72 1.67
C THR A 21 1.12 1.91 1.66
N CYS A 22 0.44 0.94 2.10
CA CYS A 22 -0.95 0.97 2.02
C CYS A 22 -1.59 1.76 3.12
N SER A 23 -2.50 2.59 2.72
CA SER A 23 -3.16 3.48 3.60
C SER A 23 -4.54 2.90 3.93
N ARG A 24 -5.16 3.37 4.98
CA ARG A 24 -6.49 2.90 5.35
C ARG A 24 -7.50 3.82 4.65
N ARG A 25 -7.15 5.09 4.55
CA ARG A 25 -8.01 6.10 3.95
C ARG A 25 -8.34 5.68 2.52
N ASP A 26 -7.32 5.28 1.84
CA ASP A 26 -7.40 4.90 0.46
C ASP A 26 -7.60 3.39 0.34
N ARG A 27 -7.16 2.65 1.37
CA ARG A 27 -7.07 1.19 1.38
C ARG A 27 -6.27 0.58 0.23
N TRP A 28 -5.55 1.40 -0.48
CA TRP A 28 -4.71 0.94 -1.52
C TRP A 28 -3.28 1.21 -1.14
N CYS A 29 -2.40 0.77 -1.96
CA CYS A 29 -1.01 0.97 -1.75
C CYS A 29 -0.66 2.37 -2.24
N LYS A 30 -0.57 3.28 -1.32
CA LYS A 30 -0.38 4.64 -1.64
C LYS A 30 1.09 5.00 -1.53
N TYR A 31 1.46 6.07 -2.15
CA TYR A 31 2.82 6.53 -2.16
C TYR A 31 3.20 6.97 -0.76
N TYR A 32 4.36 6.59 -0.34
CA TYR A 32 4.89 6.93 0.94
C TYR A 32 5.31 8.38 0.96
N LEU A 33 4.89 9.07 1.97
CA LEU A 33 5.22 10.47 2.13
C LEU A 33 6.51 10.59 2.92
N NH2 A 34 6.42 10.41 4.21
HN1 NH2 A 34 5.52 10.23 4.59
HN2 NH2 A 34 7.22 10.46 4.75
N ASP A 1 5.81 -10.10 -6.20
CA ASP A 1 5.70 -9.58 -4.83
C ASP A 1 5.50 -8.09 -4.85
N CYS A 2 5.05 -7.57 -3.71
CA CYS A 2 4.67 -6.18 -3.50
C CYS A 2 3.63 -5.64 -4.45
N LEU A 3 3.18 -4.47 -4.16
CA LEU A 3 2.12 -3.85 -4.90
C LEU A 3 2.63 -2.58 -5.49
N GLY A 4 1.87 -2.02 -6.37
CA GLY A 4 2.17 -0.74 -6.87
C GLY A 4 1.34 0.27 -6.14
N TRP A 5 0.37 0.87 -6.80
CA TRP A 5 -0.44 1.81 -6.15
C TRP A 5 -1.83 1.29 -5.92
N PHE A 6 -2.59 1.23 -6.97
CA PHE A 6 -4.04 0.95 -6.90
C PHE A 6 -4.38 -0.52 -6.64
N LYS A 7 -3.54 -1.18 -5.91
CA LYS A 7 -3.77 -2.51 -5.50
C LYS A 7 -4.24 -2.43 -4.07
N SER A 8 -5.06 -3.33 -3.68
CA SER A 8 -5.63 -3.32 -2.40
C SER A 8 -4.64 -3.83 -1.37
N CYS A 9 -4.62 -3.19 -0.25
CA CYS A 9 -3.75 -3.53 0.83
C CYS A 9 -4.40 -3.16 2.13
N ASP A 10 -3.79 -3.58 3.16
CA ASP A 10 -4.24 -3.33 4.51
C ASP A 10 -3.03 -3.05 5.36
N PRO A 11 -3.09 -2.08 6.26
CA PRO A 11 -1.96 -1.70 7.13
C PRO A 11 -1.31 -2.87 7.89
N LYS A 12 -2.09 -3.87 8.26
CA LYS A 12 -1.56 -5.00 9.01
C LYS A 12 -1.12 -6.10 8.07
N ASN A 13 -1.42 -5.92 6.84
CA ASN A 13 -1.17 -6.92 5.83
C ASN A 13 -0.53 -6.24 4.66
N ASP A 14 0.42 -5.39 5.02
CA ASP A 14 1.17 -4.56 4.09
C ASP A 14 1.87 -5.39 3.05
N LYS A 15 1.64 -5.02 1.84
CA LYS A 15 2.20 -5.64 0.70
C LYS A 15 2.89 -4.57 -0.14
N CYS A 16 3.18 -3.47 0.49
CA CYS A 16 3.73 -2.36 -0.21
C CYS A 16 5.20 -2.51 -0.44
N CYS A 17 5.66 -1.93 -1.51
CA CYS A 17 7.03 -2.02 -1.89
C CYS A 17 7.76 -0.77 -1.45
N LYS A 18 8.92 -0.56 -2.04
CA LYS A 18 9.78 0.54 -1.71
C LYS A 18 9.10 1.85 -2.02
N ASN A 19 9.09 2.72 -1.01
CA ASN A 19 8.51 4.06 -1.09
C ASN A 19 6.99 4.04 -1.10
N TYR A 20 6.42 2.92 -0.78
CA TYR A 20 4.98 2.80 -0.71
C TYR A 20 4.54 2.43 0.69
N THR A 21 3.29 2.62 0.96
CA THR A 21 2.65 2.32 2.24
C THR A 21 1.17 2.32 1.97
N CYS A 22 0.45 1.38 2.45
CA CYS A 22 -0.89 1.33 2.10
C CYS A 22 -1.79 2.08 3.04
N SER A 23 -2.67 2.82 2.44
CA SER A 23 -3.64 3.60 3.12
C SER A 23 -4.72 2.66 3.61
N ARG A 24 -5.33 2.98 4.70
CA ARG A 24 -6.40 2.18 5.22
C ARG A 24 -7.68 2.84 4.72
N ARG A 25 -7.64 4.16 4.65
CA ARG A 25 -8.76 4.97 4.21
C ARG A 25 -9.12 4.58 2.79
N ASP A 26 -8.11 4.58 1.97
CA ASP A 26 -8.23 4.30 0.57
C ASP A 26 -8.02 2.82 0.31
N ARG A 27 -7.38 2.15 1.28
CA ARG A 27 -6.99 0.76 1.17
C ARG A 27 -6.23 0.35 -0.09
N TRP A 28 -5.51 1.29 -0.67
CA TRP A 28 -4.60 1.01 -1.75
C TRP A 28 -3.20 1.30 -1.28
N CYS A 29 -2.24 0.90 -2.05
CA CYS A 29 -0.85 1.08 -1.71
C CYS A 29 -0.44 2.45 -2.19
N LYS A 30 -0.40 3.37 -1.28
CA LYS A 30 -0.19 4.73 -1.58
C LYS A 30 1.31 4.97 -1.63
N TYR A 31 1.74 5.82 -2.52
CA TYR A 31 3.14 6.15 -2.59
C TYR A 31 3.45 7.04 -1.43
N TYR A 32 4.43 6.69 -0.67
CA TYR A 32 4.77 7.44 0.47
C TYR A 32 5.70 8.57 0.08
N LEU A 33 5.40 9.74 0.56
CA LEU A 33 6.21 10.89 0.29
C LEU A 33 7.18 11.08 1.44
N NH2 A 34 8.36 10.50 1.31
HN1 NH2 A 34 8.55 10.03 0.48
HN2 NH2 A 34 8.99 10.56 2.06
N ASP A 1 5.37 -10.80 -2.15
CA ASP A 1 5.82 -9.74 -3.06
C ASP A 1 5.27 -8.44 -2.60
N CYS A 2 5.56 -7.38 -3.31
CA CYS A 2 4.98 -6.12 -2.97
C CYS A 2 3.78 -5.85 -3.84
N LEU A 3 3.16 -4.75 -3.62
CA LEU A 3 2.00 -4.37 -4.37
C LEU A 3 2.29 -3.10 -5.10
N GLY A 4 1.45 -2.81 -6.05
CA GLY A 4 1.54 -1.60 -6.71
C GLY A 4 0.50 -0.68 -6.14
N TRP A 5 0.36 0.44 -6.73
CA TRP A 5 -0.45 1.54 -6.22
C TRP A 5 -1.89 1.15 -5.98
N PHE A 6 -2.59 0.96 -7.01
CA PHE A 6 -4.03 0.74 -6.96
C PHE A 6 -4.40 -0.71 -6.63
N LYS A 7 -3.54 -1.37 -5.92
CA LYS A 7 -3.83 -2.68 -5.41
C LYS A 7 -4.36 -2.48 -4.03
N SER A 8 -5.24 -3.33 -3.62
CA SER A 8 -5.80 -3.23 -2.36
C SER A 8 -4.89 -3.86 -1.34
N CYS A 9 -4.79 -3.23 -0.25
CA CYS A 9 -3.97 -3.66 0.82
C CYS A 9 -4.65 -3.35 2.11
N ASP A 10 -4.01 -3.72 3.15
CA ASP A 10 -4.50 -3.48 4.48
C ASP A 10 -3.32 -3.09 5.30
N PRO A 11 -3.23 -1.83 5.77
CA PRO A 11 -2.08 -1.31 6.56
C PRO A 11 -1.59 -2.25 7.70
N LYS A 12 -2.49 -3.04 8.27
CA LYS A 12 -2.12 -3.98 9.33
C LYS A 12 -1.26 -5.10 8.76
N ASN A 13 -1.46 -5.34 7.51
CA ASN A 13 -0.81 -6.39 6.78
C ASN A 13 -0.26 -5.80 5.50
N ASP A 14 0.41 -4.66 5.67
CA ASP A 14 0.98 -3.87 4.57
C ASP A 14 1.87 -4.73 3.71
N LYS A 15 1.64 -4.66 2.44
CA LYS A 15 2.37 -5.39 1.45
C LYS A 15 2.96 -4.43 0.43
N CYS A 16 3.10 -3.19 0.82
CA CYS A 16 3.55 -2.18 -0.08
C CYS A 16 4.98 -2.30 -0.49
N CYS A 17 5.27 -1.72 -1.62
CA CYS A 17 6.57 -1.78 -2.19
C CYS A 17 7.36 -0.56 -1.74
N LYS A 18 8.43 -0.31 -2.43
CA LYS A 18 9.32 0.75 -2.13
C LYS A 18 8.66 2.09 -2.33
N ASN A 19 8.72 2.94 -1.31
CA ASN A 19 8.19 4.31 -1.32
C ASN A 19 6.68 4.35 -1.22
N TYR A 20 6.10 3.25 -0.86
CA TYR A 20 4.67 3.15 -0.69
C TYR A 20 4.33 2.55 0.67
N THR A 21 3.09 2.75 1.06
CA THR A 21 2.51 2.26 2.27
C THR A 21 1.00 2.21 2.02
N CYS A 22 0.32 1.18 2.43
CA CYS A 22 -1.04 1.11 2.11
C CYS A 22 -1.94 1.90 3.04
N SER A 23 -2.80 2.67 2.42
CA SER A 23 -3.71 3.57 3.06
C SER A 23 -4.88 2.78 3.68
N ARG A 24 -5.59 3.42 4.57
CA ARG A 24 -6.79 2.86 5.14
C ARG A 24 -8.00 3.58 4.58
N ARG A 25 -7.78 4.82 4.19
CA ARG A 25 -8.78 5.63 3.59
C ARG A 25 -9.08 5.07 2.22
N ASP A 26 -8.03 4.88 1.49
CA ASP A 26 -8.09 4.42 0.15
C ASP A 26 -7.89 2.94 0.08
N ARG A 27 -7.25 2.39 1.13
CA ARG A 27 -6.84 1.00 1.22
C ARG A 27 -5.99 0.51 0.04
N TRP A 28 -5.45 1.43 -0.74
CA TRP A 28 -4.54 1.07 -1.78
C TRP A 28 -3.15 1.39 -1.34
N CYS A 29 -2.20 1.05 -2.12
CA CYS A 29 -0.83 1.25 -1.81
C CYS A 29 -0.47 2.66 -2.21
N LYS A 30 -0.51 3.56 -1.25
CA LYS A 30 -0.33 4.95 -1.48
C LYS A 30 1.13 5.29 -1.32
N TYR A 31 1.59 6.27 -2.05
CA TYR A 31 2.95 6.69 -1.99
C TYR A 31 3.23 7.30 -0.63
N TYR A 32 4.36 6.98 -0.08
CA TYR A 32 4.77 7.47 1.19
C TYR A 32 5.55 8.77 1.06
N LEU A 33 5.19 9.74 1.86
CA LEU A 33 5.88 11.00 1.89
C LEU A 33 7.06 10.92 2.84
N NH2 A 34 8.20 10.60 2.31
HN1 NH2 A 34 8.23 10.48 1.34
HN2 NH2 A 34 8.98 10.49 2.90
N ASP A 1 7.21 -7.88 -7.68
CA ASP A 1 6.77 -8.22 -6.33
C ASP A 1 5.77 -7.20 -5.91
N CYS A 2 5.39 -7.22 -4.63
CA CYS A 2 4.53 -6.23 -3.99
C CYS A 2 3.25 -5.93 -4.75
N LEU A 3 2.68 -4.82 -4.42
CA LEU A 3 1.45 -4.38 -4.97
C LEU A 3 1.72 -3.24 -5.90
N GLY A 4 0.71 -2.79 -6.57
CA GLY A 4 0.88 -1.69 -7.41
C GLY A 4 0.53 -0.41 -6.71
N TRP A 5 -0.59 0.16 -7.05
CA TRP A 5 -1.07 1.32 -6.44
C TRP A 5 -2.48 1.10 -5.94
N PHE A 6 -3.39 1.08 -6.84
CA PHE A 6 -4.83 0.96 -6.52
C PHE A 6 -5.24 -0.47 -6.25
N LYS A 7 -4.35 -1.21 -5.67
CA LYS A 7 -4.63 -2.53 -5.26
C LYS A 7 -4.91 -2.43 -3.80
N SER A 8 -5.93 -3.07 -3.38
CA SER A 8 -6.38 -3.04 -2.07
C SER A 8 -5.39 -3.77 -1.18
N CYS A 9 -5.17 -3.24 -0.04
CA CYS A 9 -4.23 -3.78 0.88
C CYS A 9 -4.68 -3.53 2.25
N ASP A 10 -4.07 -4.19 3.13
CA ASP A 10 -4.40 -4.09 4.51
C ASP A 10 -3.21 -3.54 5.21
N PRO A 11 -3.35 -2.37 5.85
CA PRO A 11 -2.23 -1.65 6.47
C PRO A 11 -1.39 -2.48 7.45
N LYS A 12 -2.01 -3.45 8.08
CA LYS A 12 -1.30 -4.30 9.04
C LYS A 12 -0.70 -5.53 8.36
N ASN A 13 -0.99 -5.67 7.10
CA ASN A 13 -0.50 -6.80 6.31
C ASN A 13 -0.02 -6.21 5.00
N ASP A 14 0.70 -5.12 5.15
CA ASP A 14 1.21 -4.31 4.04
C ASP A 14 2.06 -5.14 3.10
N LYS A 15 1.68 -5.11 1.87
CA LYS A 15 2.33 -5.83 0.81
C LYS A 15 2.90 -4.87 -0.22
N CYS A 16 3.15 -3.67 0.19
CA CYS A 16 3.66 -2.67 -0.70
C CYS A 16 5.16 -2.72 -0.78
N CYS A 17 5.69 -2.24 -1.89
CA CYS A 17 7.08 -2.11 -2.06
C CYS A 17 7.63 -1.00 -1.23
N LYS A 18 8.89 -0.83 -1.34
CA LYS A 18 9.60 0.15 -0.62
C LYS A 18 9.16 1.55 -1.03
N ASN A 19 8.82 2.35 -0.04
CA ASN A 19 8.39 3.74 -0.19
C ASN A 19 6.96 3.80 -0.73
N TYR A 20 6.30 2.71 -0.56
CA TYR A 20 4.90 2.59 -0.78
C TYR A 20 4.34 2.03 0.48
N THR A 21 3.10 2.23 0.71
CA THR A 21 2.46 1.81 1.92
C THR A 21 0.99 1.76 1.65
N CYS A 22 0.33 0.80 2.12
CA CYS A 22 -1.04 0.77 1.92
C CYS A 22 -1.77 1.54 2.97
N SER A 23 -2.44 2.55 2.51
CA SER A 23 -3.16 3.46 3.33
C SER A 23 -4.46 2.79 3.74
N ARG A 24 -4.98 3.12 4.88
CA ARG A 24 -6.24 2.56 5.31
C ARG A 24 -7.31 3.53 4.84
N ARG A 25 -6.96 4.80 4.81
CA ARG A 25 -7.84 5.86 4.37
C ARG A 25 -8.25 5.54 2.93
N ASP A 26 -7.24 5.28 2.12
CA ASP A 26 -7.40 5.00 0.73
C ASP A 26 -7.67 3.52 0.49
N ARG A 27 -7.21 2.68 1.44
CA ARG A 27 -7.28 1.22 1.37
C ARG A 27 -6.47 0.60 0.23
N TRP A 28 -5.62 1.40 -0.41
CA TRP A 28 -4.80 0.91 -1.47
C TRP A 28 -3.34 1.18 -1.19
N CYS A 29 -2.51 0.65 -2.03
CA CYS A 29 -1.07 0.78 -1.93
C CYS A 29 -0.66 2.14 -2.46
N LYS A 30 -0.50 3.06 -1.58
CA LYS A 30 -0.28 4.41 -1.92
C LYS A 30 1.20 4.74 -1.76
N TYR A 31 1.72 5.51 -2.70
CA TYR A 31 3.10 5.94 -2.67
C TYR A 31 3.35 6.80 -1.45
N TYR A 32 4.35 6.46 -0.72
CA TYR A 32 4.69 7.11 0.49
C TYR A 32 5.55 8.35 0.26
N LEU A 33 5.20 9.42 0.91
CA LEU A 33 5.95 10.65 0.84
C LEU A 33 6.76 10.83 2.12
N NH2 A 34 6.15 11.40 3.14
HN1 NH2 A 34 5.22 11.69 3.01
HN2 NH2 A 34 6.63 11.49 3.98
N ASP A 1 6.68 -10.95 -3.83
CA ASP A 1 6.22 -9.88 -4.74
C ASP A 1 5.59 -8.80 -3.91
N CYS A 2 5.24 -7.71 -4.54
CA CYS A 2 4.63 -6.62 -3.82
C CYS A 2 3.45 -6.07 -4.60
N LEU A 3 2.89 -5.02 -4.08
CA LEU A 3 1.74 -4.40 -4.64
C LEU A 3 2.10 -3.01 -5.04
N GLY A 4 1.60 -2.59 -6.16
CA GLY A 4 1.79 -1.26 -6.56
C GLY A 4 0.63 -0.45 -6.10
N TRP A 5 0.52 0.73 -6.64
CA TRP A 5 -0.39 1.74 -6.15
C TRP A 5 -1.82 1.29 -6.08
N PHE A 6 -2.36 1.03 -7.19
CA PHE A 6 -3.76 0.71 -7.27
C PHE A 6 -4.04 -0.75 -7.04
N LYS A 7 -3.52 -1.24 -5.98
CA LYS A 7 -3.80 -2.53 -5.47
C LYS A 7 -4.35 -2.27 -4.11
N SER A 8 -5.30 -3.01 -3.70
CA SER A 8 -5.82 -2.81 -2.41
C SER A 8 -4.97 -3.54 -1.44
N CYS A 9 -4.85 -2.98 -0.33
CA CYS A 9 -4.00 -3.47 0.71
C CYS A 9 -4.43 -2.88 2.00
N ASP A 10 -3.86 -3.34 3.03
CA ASP A 10 -4.19 -2.89 4.34
C ASP A 10 -2.93 -2.63 5.09
N PRO A 11 -2.81 -1.48 5.74
CA PRO A 11 -1.60 -1.07 6.47
C PRO A 11 -1.06 -2.14 7.44
N LYS A 12 -1.96 -2.90 8.02
CA LYS A 12 -1.56 -3.90 9.00
C LYS A 12 -1.16 -5.20 8.32
N ASN A 13 -1.34 -5.23 7.02
CA ASN A 13 -1.02 -6.39 6.22
C ASN A 13 -0.36 -5.89 4.94
N ASP A 14 0.52 -4.93 5.13
CA ASP A 14 1.22 -4.23 4.03
C ASP A 14 1.97 -5.21 3.14
N LYS A 15 1.72 -5.09 1.88
CA LYS A 15 2.38 -5.86 0.87
C LYS A 15 2.96 -4.92 -0.19
N CYS A 16 3.20 -3.71 0.21
CA CYS A 16 3.62 -2.69 -0.72
C CYS A 16 5.08 -2.74 -1.10
N CYS A 17 5.36 -2.22 -2.29
CA CYS A 17 6.67 -2.12 -2.80
C CYS A 17 7.43 -0.98 -2.09
N LYS A 18 8.61 -0.74 -2.58
CA LYS A 18 9.50 0.26 -2.06
C LYS A 18 8.90 1.66 -2.17
N ASN A 19 8.90 2.34 -1.03
CA ASN A 19 8.41 3.74 -0.87
C ASN A 19 6.89 3.80 -0.93
N TYR A 20 6.27 2.68 -0.88
CA TYR A 20 4.84 2.61 -0.86
C TYR A 20 4.41 2.02 0.46
N THR A 21 3.19 2.26 0.78
CA THR A 21 2.57 1.78 1.98
C THR A 21 1.09 1.85 1.74
N CYS A 22 0.41 0.86 2.12
CA CYS A 22 -0.95 0.86 1.89
C CYS A 22 -1.73 1.65 2.91
N SER A 23 -2.60 2.47 2.38
CA SER A 23 -3.37 3.41 3.11
C SER A 23 -4.54 2.71 3.80
N ARG A 24 -5.09 3.37 4.77
CA ARG A 24 -6.28 2.91 5.43
C ARG A 24 -7.42 3.81 4.98
N ARG A 25 -7.05 5.02 4.63
CA ARG A 25 -7.97 5.99 4.11
C ARG A 25 -8.45 5.46 2.77
N ASP A 26 -7.50 5.20 1.91
CA ASP A 26 -7.80 4.78 0.58
C ASP A 26 -7.80 3.28 0.48
N ARG A 27 -7.00 2.65 1.34
CA ARG A 27 -6.74 1.22 1.31
C ARG A 27 -6.14 0.70 -0.01
N TRP A 28 -5.51 1.59 -0.75
CA TRP A 28 -4.68 1.22 -1.87
C TRP A 28 -3.25 1.41 -1.44
N CYS A 29 -2.34 0.99 -2.24
CA CYS A 29 -0.95 1.12 -1.92
C CYS A 29 -0.50 2.51 -2.30
N LYS A 30 -0.46 3.34 -1.32
CA LYS A 30 -0.24 4.73 -1.48
C LYS A 30 1.25 4.98 -1.45
N TYR A 31 1.70 5.97 -2.18
CA TYR A 31 3.10 6.32 -2.15
C TYR A 31 3.35 6.96 -0.81
N TYR A 32 4.26 6.41 -0.06
CA TYR A 32 4.52 6.87 1.25
C TYR A 32 5.29 8.18 1.23
N LEU A 33 4.77 9.15 1.91
CA LEU A 33 5.39 10.44 1.97
C LEU A 33 6.21 10.57 3.25
N NH2 A 34 7.47 10.25 3.17
HN1 NH2 A 34 7.79 9.98 2.28
HN2 NH2 A 34 8.02 10.28 3.97
N ASP A 1 4.96 -11.15 -3.77
CA ASP A 1 5.52 -9.96 -4.39
C ASP A 1 4.82 -8.75 -3.83
N CYS A 2 5.44 -7.60 -3.95
CA CYS A 2 4.85 -6.36 -3.45
C CYS A 2 3.76 -5.85 -4.38
N LEU A 3 3.21 -4.75 -4.01
CA LEU A 3 2.14 -4.15 -4.72
C LEU A 3 2.65 -2.89 -5.35
N GLY A 4 1.87 -2.34 -6.23
CA GLY A 4 2.23 -1.12 -6.83
C GLY A 4 1.52 0.02 -6.17
N TRP A 5 0.38 0.42 -6.71
CA TRP A 5 -0.34 1.50 -6.17
C TRP A 5 -1.77 1.12 -5.86
N PHE A 6 -2.58 1.12 -6.87
CA PHE A 6 -4.05 0.96 -6.73
C PHE A 6 -4.46 -0.50 -6.51
N LYS A 7 -3.63 -1.22 -5.84
CA LYS A 7 -3.93 -2.57 -5.48
C LYS A 7 -4.42 -2.56 -4.06
N SER A 8 -5.33 -3.42 -3.78
CA SER A 8 -5.97 -3.49 -2.53
C SER A 8 -5.02 -4.02 -1.47
N CYS A 9 -5.02 -3.39 -0.35
CA CYS A 9 -4.17 -3.77 0.75
C CYS A 9 -4.72 -3.23 2.02
N ASP A 10 -4.09 -3.55 3.09
CA ASP A 10 -4.47 -3.09 4.40
C ASP A 10 -3.25 -2.75 5.19
N PRO A 11 -3.21 -1.58 5.83
CA PRO A 11 -2.07 -1.12 6.65
C PRO A 11 -1.56 -2.14 7.68
N LYS A 12 -2.42 -3.00 8.17
CA LYS A 12 -2.01 -3.98 9.15
C LYS A 12 -1.56 -5.27 8.48
N ASN A 13 -1.71 -5.32 7.19
CA ASN A 13 -1.33 -6.48 6.39
C ASN A 13 -0.66 -5.93 5.13
N ASP A 14 0.21 -4.96 5.36
CA ASP A 14 0.89 -4.23 4.28
C ASP A 14 1.74 -5.14 3.41
N LYS A 15 1.58 -4.97 2.13
CA LYS A 15 2.27 -5.74 1.12
C LYS A 15 3.00 -4.80 0.16
N CYS A 16 3.35 -3.66 0.62
CA CYS A 16 3.91 -2.65 -0.24
C CYS A 16 5.41 -2.71 -0.41
N CYS A 17 5.86 -2.18 -1.53
CA CYS A 17 7.25 -2.07 -1.83
C CYS A 17 7.82 -0.80 -1.25
N LYS A 18 9.02 -0.50 -1.64
CA LYS A 18 9.79 0.61 -1.15
C LYS A 18 9.12 1.95 -1.47
N ASN A 19 8.94 2.76 -0.43
CA ASN A 19 8.40 4.13 -0.50
C ASN A 19 6.90 4.12 -0.77
N TYR A 20 6.31 3.02 -0.45
CA TYR A 20 4.89 2.85 -0.51
C TYR A 20 4.42 2.25 0.79
N THR A 21 3.14 2.26 1.00
CA THR A 21 2.48 1.62 2.09
C THR A 21 0.99 1.77 1.92
N CYS A 22 0.29 0.75 2.22
CA CYS A 22 -1.10 0.73 2.01
C CYS A 22 -1.88 1.41 3.10
N SER A 23 -2.69 2.34 2.67
CA SER A 23 -3.49 3.16 3.56
C SER A 23 -4.80 2.45 3.94
N ARG A 24 -5.49 2.99 4.93
CA ARG A 24 -6.80 2.47 5.34
C ARG A 24 -7.87 3.40 4.82
N ARG A 25 -7.49 4.62 4.54
CA ARG A 25 -8.40 5.59 4.00
C ARG A 25 -8.57 5.27 2.54
N ASP A 26 -7.45 5.09 1.90
CA ASP A 26 -7.35 4.85 0.51
C ASP A 26 -7.45 3.35 0.24
N ARG A 27 -7.02 2.54 1.24
CA ARG A 27 -6.94 1.07 1.16
C ARG A 27 -6.16 0.51 -0.04
N TRP A 28 -5.41 1.33 -0.68
CA TRP A 28 -4.52 0.88 -1.71
C TRP A 28 -3.11 1.11 -1.25
N CYS A 29 -2.17 0.67 -2.02
CA CYS A 29 -0.78 0.84 -1.72
C CYS A 29 -0.42 2.26 -2.12
N LYS A 30 -0.44 3.11 -1.16
CA LYS A 30 -0.31 4.50 -1.38
C LYS A 30 1.16 4.87 -1.32
N TYR A 31 1.57 5.67 -2.29
CA TYR A 31 2.92 6.19 -2.38
C TYR A 31 3.20 7.01 -1.13
N TYR A 32 4.27 6.70 -0.48
CA TYR A 32 4.59 7.35 0.76
C TYR A 32 5.17 8.74 0.51
N LEU A 33 4.59 9.71 1.18
CA LEU A 33 5.03 11.06 1.05
C LEU A 33 5.75 11.51 2.32
N NH2 A 34 5.01 11.95 3.31
HN1 NH2 A 34 4.04 12.01 3.17
HN2 NH2 A 34 5.45 12.22 4.13
N ASP A 1 6.37 -9.72 -6.28
CA ASP A 1 6.12 -9.38 -4.89
C ASP A 1 5.54 -8.01 -4.84
N CYS A 2 5.06 -7.63 -3.66
CA CYS A 2 4.49 -6.36 -3.33
C CYS A 2 3.36 -5.89 -4.24
N LEU A 3 2.92 -4.70 -3.99
CA LEU A 3 1.86 -4.11 -4.68
C LEU A 3 2.33 -2.86 -5.36
N GLY A 4 1.51 -2.35 -6.23
CA GLY A 4 1.80 -1.11 -6.84
C GLY A 4 1.09 0.00 -6.11
N TRP A 5 0.12 0.62 -6.73
CA TRP A 5 -0.57 1.68 -6.08
C TRP A 5 -1.99 1.30 -5.71
N PHE A 6 -2.84 1.34 -6.67
CA PHE A 6 -4.29 1.24 -6.46
C PHE A 6 -4.74 -0.19 -6.12
N LYS A 7 -3.79 -1.05 -5.84
CA LYS A 7 -4.10 -2.40 -5.44
C LYS A 7 -4.52 -2.36 -4.00
N SER A 8 -5.43 -3.19 -3.66
CA SER A 8 -6.00 -3.22 -2.39
C SER A 8 -5.04 -3.83 -1.39
N CYS A 9 -5.00 -3.27 -0.26
CA CYS A 9 -4.13 -3.71 0.79
C CYS A 9 -4.73 -3.34 2.09
N ASP A 10 -4.11 -3.77 3.11
CA ASP A 10 -4.55 -3.51 4.43
C ASP A 10 -3.37 -3.02 5.20
N PRO A 11 -3.45 -1.85 5.81
CA PRO A 11 -2.31 -1.21 6.51
C PRO A 11 -1.67 -2.08 7.59
N LYS A 12 -2.41 -2.99 8.15
CA LYS A 12 -1.90 -3.87 9.18
C LYS A 12 -1.26 -5.10 8.55
N ASN A 13 -1.50 -5.29 7.29
CA ASN A 13 -1.02 -6.44 6.54
C ASN A 13 -0.39 -5.91 5.26
N ASP A 14 0.38 -4.85 5.46
CA ASP A 14 1.03 -4.12 4.36
C ASP A 14 1.89 -5.03 3.53
N LYS A 15 1.61 -5.02 2.27
CA LYS A 15 2.29 -5.81 1.28
C LYS A 15 2.94 -4.87 0.28
N CYS A 16 3.18 -3.69 0.71
CA CYS A 16 3.72 -2.68 -0.14
C CYS A 16 5.21 -2.75 -0.27
N CYS A 17 5.69 -2.31 -1.38
CA CYS A 17 7.11 -2.27 -1.65
C CYS A 17 7.72 -1.03 -1.03
N LYS A 18 8.94 -0.83 -1.39
CA LYS A 18 9.70 0.31 -1.01
C LYS A 18 9.02 1.54 -1.50
N ASN A 19 8.89 2.53 -0.62
CA ASN A 19 8.32 3.85 -0.93
C ASN A 19 6.81 3.82 -0.97
N TYR A 20 6.22 2.71 -0.63
CA TYR A 20 4.79 2.56 -0.59
C TYR A 20 4.35 2.13 0.79
N THR A 21 3.13 2.39 1.10
CA THR A 21 2.52 2.11 2.34
C THR A 21 1.02 2.00 2.09
N CYS A 22 0.39 0.91 2.41
CA CYS A 22 -0.99 0.86 2.16
C CYS A 22 -1.81 1.63 3.18
N SER A 23 -2.70 2.41 2.65
CA SER A 23 -3.53 3.30 3.40
C SER A 23 -4.72 2.55 3.97
N ARG A 24 -5.38 3.16 4.92
CA ARG A 24 -6.59 2.61 5.45
C ARG A 24 -7.73 3.45 4.90
N ARG A 25 -7.46 4.73 4.68
CA ARG A 25 -8.45 5.64 4.15
C ARG A 25 -8.79 5.19 2.75
N ASP A 26 -7.76 4.99 1.98
CA ASP A 26 -7.89 4.60 0.62
C ASP A 26 -7.79 3.10 0.45
N ARG A 27 -7.23 2.43 1.47
CA ARG A 27 -6.95 0.99 1.47
C ARG A 27 -6.15 0.50 0.26
N TRP A 28 -5.49 1.40 -0.44
CA TRP A 28 -4.64 1.01 -1.50
C TRP A 28 -3.20 1.21 -1.09
N CYS A 29 -2.31 0.76 -1.89
CA CYS A 29 -0.90 0.88 -1.63
C CYS A 29 -0.48 2.29 -2.04
N LYS A 30 -0.51 3.15 -1.08
CA LYS A 30 -0.29 4.55 -1.25
C LYS A 30 1.19 4.80 -1.34
N TYR A 31 1.62 5.45 -2.39
CA TYR A 31 3.01 5.81 -2.51
C TYR A 31 3.30 6.81 -1.42
N TYR A 32 4.28 6.54 -0.66
CA TYR A 32 4.59 7.34 0.46
C TYR A 32 5.27 8.62 0.02
N LEU A 33 4.63 9.69 0.29
CA LEU A 33 5.16 10.98 -0.03
C LEU A 33 5.61 11.68 1.26
N NH2 A 34 4.76 12.48 1.85
HN1 NH2 A 34 3.89 12.64 1.42
HN2 NH2 A 34 5.02 12.89 2.70
N ASP A 1 7.53 -10.39 -3.71
CA ASP A 1 6.75 -9.51 -4.59
C ASP A 1 5.98 -8.53 -3.74
N CYS A 2 5.47 -7.50 -4.36
CA CYS A 2 4.77 -6.47 -3.65
C CYS A 2 3.58 -6.00 -4.46
N LEU A 3 3.10 -4.85 -4.14
CA LEU A 3 1.99 -4.27 -4.78
C LEU A 3 2.45 -3.02 -5.47
N GLY A 4 1.67 -2.56 -6.40
CA GLY A 4 1.98 -1.35 -7.04
C GLY A 4 1.30 -0.18 -6.40
N TRP A 5 0.23 0.31 -6.98
CA TRP A 5 -0.47 1.39 -6.40
C TRP A 5 -1.90 1.02 -6.08
N PHE A 6 -2.72 0.96 -7.07
CA PHE A 6 -4.16 0.75 -6.85
C PHE A 6 -4.50 -0.72 -6.64
N LYS A 7 -3.76 -1.32 -5.77
CA LYS A 7 -4.01 -2.64 -5.34
C LYS A 7 -4.44 -2.52 -3.93
N SER A 8 -5.41 -3.27 -3.57
CA SER A 8 -5.96 -3.23 -2.29
C SER A 8 -5.00 -3.86 -1.31
N CYS A 9 -4.91 -3.28 -0.18
CA CYS A 9 -4.02 -3.75 0.83
C CYS A 9 -4.53 -3.33 2.15
N ASP A 10 -3.92 -3.84 3.13
CA ASP A 10 -4.25 -3.53 4.48
C ASP A 10 -2.97 -3.07 5.13
N PRO A 11 -2.92 -1.82 5.62
CA PRO A 11 -1.72 -1.24 6.26
C PRO A 11 -1.08 -2.14 7.33
N LYS A 12 -1.87 -2.96 7.98
CA LYS A 12 -1.39 -3.83 9.03
C LYS A 12 -0.91 -5.16 8.47
N ASN A 13 -1.10 -5.35 7.19
CA ASN A 13 -0.71 -6.54 6.48
C ASN A 13 -0.12 -6.08 5.15
N ASP A 14 0.66 -5.03 5.26
CA ASP A 14 1.23 -4.31 4.13
C ASP A 14 2.03 -5.21 3.21
N LYS A 15 1.73 -5.12 1.96
CA LYS A 15 2.36 -5.89 0.93
C LYS A 15 2.99 -4.96 -0.10
N CYS A 16 3.29 -3.77 0.32
CA CYS A 16 3.83 -2.77 -0.56
C CYS A 16 5.33 -2.84 -0.66
N CYS A 17 5.85 -2.31 -1.75
CA CYS A 17 7.25 -2.22 -1.96
C CYS A 17 7.80 -0.98 -1.31
N LYS A 18 9.04 -0.74 -1.55
CA LYS A 18 9.78 0.36 -1.05
C LYS A 18 9.16 1.68 -1.52
N ASN A 19 9.00 2.61 -0.57
CA ASN A 19 8.48 3.97 -0.77
C ASN A 19 6.94 3.94 -0.92
N TYR A 20 6.37 2.78 -0.85
CA TYR A 20 4.94 2.61 -0.88
C TYR A 20 4.51 2.11 0.46
N THR A 21 3.27 2.26 0.75
CA THR A 21 2.66 1.84 1.98
C THR A 21 1.19 1.81 1.72
N CYS A 22 0.52 0.81 2.15
CA CYS A 22 -0.84 0.78 1.91
C CYS A 22 -1.61 1.58 2.93
N SER A 23 -2.38 2.49 2.42
CA SER A 23 -3.11 3.44 3.18
C SER A 23 -4.32 2.81 3.87
N ARG A 24 -4.87 3.51 4.81
CA ARG A 24 -6.10 3.12 5.46
C ARG A 24 -7.20 4.06 5.00
N ARG A 25 -6.82 5.23 4.56
CA ARG A 25 -7.78 6.17 4.07
C ARG A 25 -8.15 5.72 2.66
N ASP A 26 -7.13 5.45 1.88
CA ASP A 26 -7.28 5.05 0.51
C ASP A 26 -7.31 3.52 0.40
N ARG A 27 -6.74 2.83 1.41
CA ARG A 27 -6.63 1.36 1.46
C ARG A 27 -5.98 0.67 0.24
N TRP A 28 -5.32 1.45 -0.58
CA TRP A 28 -4.53 0.93 -1.66
C TRP A 28 -3.07 1.15 -1.34
N CYS A 29 -2.23 0.59 -2.13
CA CYS A 29 -0.80 0.73 -1.96
C CYS A 29 -0.40 2.10 -2.46
N LYS A 30 -0.36 3.01 -1.56
CA LYS A 30 -0.18 4.37 -1.88
C LYS A 30 1.28 4.73 -1.74
N TYR A 31 1.73 5.67 -2.51
CA TYR A 31 3.10 6.08 -2.45
C TYR A 31 3.29 6.93 -1.21
N TYR A 32 4.18 6.51 -0.36
CA TYR A 32 4.37 7.16 0.90
C TYR A 32 5.13 8.49 0.70
N LEU A 33 4.77 9.50 1.47
CA LEU A 33 5.41 10.80 1.36
C LEU A 33 6.53 10.90 2.37
N NH2 A 34 6.20 11.20 3.60
HN1 NH2 A 34 5.26 11.34 3.81
HN2 NH2 A 34 6.92 11.26 4.27
N ASP A 1 5.22 -10.88 -2.44
CA ASP A 1 5.60 -9.94 -3.48
C ASP A 1 4.92 -8.63 -3.17
N CYS A 2 5.38 -7.57 -3.75
CA CYS A 2 4.81 -6.29 -3.45
C CYS A 2 3.66 -5.92 -4.38
N LEU A 3 3.16 -4.73 -4.20
CA LEU A 3 2.00 -4.26 -4.88
C LEU A 3 2.37 -3.07 -5.70
N GLY A 4 1.46 -2.63 -6.52
CA GLY A 4 1.68 -1.42 -7.24
C GLY A 4 1.14 -0.25 -6.46
N TRP A 5 0.08 0.36 -6.95
CA TRP A 5 -0.50 1.48 -6.31
C TRP A 5 -1.91 1.19 -5.86
N PHE A 6 -2.82 1.21 -6.78
CA PHE A 6 -4.26 1.10 -6.52
C PHE A 6 -4.69 -0.35 -6.22
N LYS A 7 -3.76 -1.15 -5.83
CA LYS A 7 -4.02 -2.52 -5.49
C LYS A 7 -4.40 -2.53 -4.03
N SER A 8 -5.32 -3.38 -3.70
CA SER A 8 -5.85 -3.47 -2.39
C SER A 8 -4.79 -3.99 -1.43
N CYS A 9 -4.73 -3.40 -0.30
CA CYS A 9 -3.80 -3.78 0.72
C CYS A 9 -4.44 -3.59 2.05
N ASP A 10 -3.73 -3.92 3.05
CA ASP A 10 -4.18 -3.82 4.40
C ASP A 10 -3.06 -3.23 5.21
N PRO A 11 -3.30 -2.11 5.90
CA PRO A 11 -2.26 -1.42 6.68
C PRO A 11 -1.51 -2.30 7.69
N LYS A 12 -2.16 -3.32 8.19
CA LYS A 12 -1.55 -4.19 9.16
C LYS A 12 -0.97 -5.44 8.50
N ASN A 13 -1.10 -5.51 7.21
CA ASN A 13 -0.54 -6.61 6.43
C ASN A 13 -0.03 -6.00 5.14
N ASP A 14 0.71 -4.93 5.32
CA ASP A 14 1.28 -4.16 4.22
C ASP A 14 2.16 -5.02 3.36
N LYS A 15 1.92 -4.96 2.10
CA LYS A 15 2.63 -5.71 1.12
C LYS A 15 3.19 -4.77 0.08
N CYS A 16 3.45 -3.56 0.47
CA CYS A 16 3.95 -2.55 -0.41
C CYS A 16 5.45 -2.62 -0.58
N CYS A 17 5.91 -2.17 -1.70
CA CYS A 17 7.31 -2.10 -1.97
C CYS A 17 7.87 -0.80 -1.45
N LYS A 18 9.08 -0.54 -1.81
CA LYS A 18 9.80 0.61 -1.40
C LYS A 18 9.13 1.87 -1.91
N ASN A 19 9.06 2.88 -1.03
CA ASN A 19 8.48 4.20 -1.32
C ASN A 19 6.95 4.22 -1.27
N TYR A 20 6.37 3.07 -1.01
CA TYR A 20 4.94 2.93 -0.91
C TYR A 20 4.60 2.35 0.43
N THR A 21 3.36 2.49 0.80
CA THR A 21 2.80 1.99 2.05
C THR A 21 1.29 2.03 1.87
N CYS A 22 0.61 1.02 2.27
CA CYS A 22 -0.78 1.01 2.06
C CYS A 22 -1.57 1.74 3.13
N SER A 23 -2.44 2.59 2.66
CA SER A 23 -3.28 3.44 3.47
C SER A 23 -4.50 2.64 3.96
N ARG A 24 -5.21 3.19 4.91
CA ARG A 24 -6.46 2.59 5.37
C ARG A 24 -7.58 3.49 4.83
N ARG A 25 -7.25 4.75 4.64
CA ARG A 25 -8.19 5.71 4.12
C ARG A 25 -8.54 5.28 2.71
N ASP A 26 -7.51 4.97 1.95
CA ASP A 26 -7.64 4.54 0.58
C ASP A 26 -7.63 3.02 0.46
N ARG A 27 -7.02 2.36 1.45
CA ARG A 27 -6.78 0.92 1.47
C ARG A 27 -5.99 0.40 0.27
N TRP A 28 -5.33 1.30 -0.45
CA TRP A 28 -4.49 0.91 -1.52
C TRP A 28 -3.07 1.20 -1.15
N CYS A 29 -2.17 0.76 -1.96
CA CYS A 29 -0.76 0.97 -1.75
C CYS A 29 -0.42 2.36 -2.23
N LYS A 30 -0.37 3.27 -1.29
CA LYS A 30 -0.22 4.64 -1.59
C LYS A 30 1.26 4.98 -1.53
N TYR A 31 1.67 5.95 -2.31
CA TYR A 31 3.03 6.41 -2.26
C TYR A 31 3.24 7.05 -0.91
N TYR A 32 4.32 6.72 -0.26
CA TYR A 32 4.55 7.25 1.04
C TYR A 32 5.06 8.65 0.95
N LEU A 33 4.29 9.55 1.47
CA LEU A 33 4.59 10.95 1.48
C LEU A 33 5.38 11.28 2.74
N NH2 A 34 6.67 11.09 2.68
HN1 NH2 A 34 7.04 10.77 1.83
HN2 NH2 A 34 7.21 11.29 3.47
N ASP A 1 5.05 -10.97 -3.79
CA ASP A 1 4.92 -9.80 -4.66
C ASP A 1 4.77 -8.59 -3.81
N CYS A 2 4.88 -7.45 -4.40
CA CYS A 2 4.66 -6.24 -3.69
C CYS A 2 3.57 -5.47 -4.36
N LEU A 3 3.10 -4.51 -3.68
CA LEU A 3 1.99 -3.76 -4.14
C LEU A 3 2.51 -2.46 -4.64
N GLY A 4 2.04 -2.08 -5.79
CA GLY A 4 2.46 -0.84 -6.33
C GLY A 4 1.65 0.28 -5.78
N TRP A 5 0.62 0.72 -6.46
CA TRP A 5 -0.18 1.74 -5.95
C TRP A 5 -1.60 1.27 -5.77
N PHE A 6 -2.27 1.09 -6.83
CA PHE A 6 -3.70 0.86 -6.85
C PHE A 6 -4.08 -0.59 -6.52
N LYS A 7 -3.31 -1.19 -5.69
CA LYS A 7 -3.61 -2.51 -5.23
C LYS A 7 -4.19 -2.39 -3.85
N SER A 8 -5.05 -3.27 -3.54
CA SER A 8 -5.71 -3.31 -2.29
C SER A 8 -4.72 -3.77 -1.25
N CYS A 9 -4.66 -3.06 -0.18
CA CYS A 9 -3.77 -3.39 0.88
C CYS A 9 -4.46 -3.25 2.19
N ASP A 10 -3.84 -3.79 3.15
CA ASP A 10 -4.30 -3.77 4.49
C ASP A 10 -3.18 -3.19 5.31
N PRO A 11 -3.43 -2.13 6.07
CA PRO A 11 -2.38 -1.43 6.84
C PRO A 11 -1.63 -2.33 7.81
N LYS A 12 -2.28 -3.34 8.30
CA LYS A 12 -1.68 -4.24 9.26
C LYS A 12 -0.87 -5.31 8.55
N ASN A 13 -1.08 -5.43 7.28
CA ASN A 13 -0.41 -6.44 6.47
C ASN A 13 0.12 -5.75 5.23
N ASP A 14 0.75 -4.63 5.45
CA ASP A 14 1.32 -3.81 4.39
C ASP A 14 2.32 -4.61 3.60
N LYS A 15 2.09 -4.68 2.35
CA LYS A 15 2.93 -5.41 1.44
C LYS A 15 3.33 -4.48 0.31
N CYS A 16 3.42 -3.24 0.67
CA CYS A 16 3.78 -2.21 -0.24
C CYS A 16 5.21 -2.31 -0.69
N CYS A 17 5.43 -1.94 -1.92
CA CYS A 17 6.71 -2.05 -2.50
C CYS A 17 7.57 -0.85 -2.12
N LYS A 18 8.62 -0.64 -2.86
CA LYS A 18 9.62 0.34 -2.55
C LYS A 18 9.07 1.77 -2.44
N ASN A 19 9.15 2.30 -1.23
CA ASN A 19 8.78 3.69 -0.87
C ASN A 19 7.26 3.89 -0.95
N TYR A 20 6.56 2.83 -0.86
CA TYR A 20 5.12 2.84 -0.76
C TYR A 20 4.70 2.45 0.64
N THR A 21 3.45 2.67 0.98
CA THR A 21 2.86 2.34 2.28
C THR A 21 1.35 2.45 2.09
N CYS A 22 0.62 1.48 2.48
CA CYS A 22 -0.76 1.49 2.18
C CYS A 22 -1.63 2.29 3.13
N SER A 23 -2.67 2.83 2.56
CA SER A 23 -3.64 3.62 3.25
C SER A 23 -4.75 2.70 3.72
N ARG A 24 -5.52 3.16 4.65
CA ARG A 24 -6.64 2.41 5.13
C ARG A 24 -7.90 3.09 4.59
N ARG A 25 -7.85 4.39 4.52
CA ARG A 25 -8.95 5.17 4.03
C ARG A 25 -9.11 4.83 2.55
N ASP A 26 -8.01 4.93 1.82
CA ASP A 26 -8.00 4.64 0.42
C ASP A 26 -7.81 3.16 0.17
N ARG A 27 -7.28 2.45 1.20
CA ARG A 27 -6.95 1.02 1.15
C ARG A 27 -6.13 0.57 -0.05
N TRP A 28 -5.43 1.48 -0.66
CA TRP A 28 -4.50 1.16 -1.69
C TRP A 28 -3.11 1.42 -1.17
N CYS A 29 -2.15 1.05 -1.93
CA CYS A 29 -0.79 1.24 -1.58
C CYS A 29 -0.38 2.63 -2.00
N LYS A 30 -0.29 3.51 -1.04
CA LYS A 30 -0.07 4.88 -1.29
C LYS A 30 1.44 5.09 -1.34
N TYR A 31 1.88 6.04 -2.11
CA TYR A 31 3.30 6.30 -2.16
C TYR A 31 3.68 7.02 -0.88
N TYR A 32 4.79 6.65 -0.30
CA TYR A 32 5.21 7.27 0.92
C TYR A 32 5.75 8.66 0.64
N LEU A 33 5.17 9.59 1.31
CA LEU A 33 5.46 10.98 1.15
C LEU A 33 6.37 11.46 2.27
N NH2 A 34 7.65 11.37 2.06
HN1 NH2 A 34 7.94 11.04 1.18
HN2 NH2 A 34 8.27 11.64 2.77
N ASP A 1 4.61 -10.90 -3.09
CA ASP A 1 4.73 -9.87 -4.11
C ASP A 1 4.22 -8.61 -3.55
N CYS A 2 4.71 -7.52 -4.03
CA CYS A 2 4.30 -6.27 -3.54
C CYS A 2 3.25 -5.67 -4.39
N LEU A 3 2.81 -4.53 -4.04
CA LEU A 3 1.75 -3.86 -4.69
C LEU A 3 2.25 -2.58 -5.25
N GLY A 4 1.59 -2.12 -6.28
CA GLY A 4 1.97 -0.90 -6.89
C GLY A 4 1.19 0.26 -6.36
N TRP A 5 -0.01 0.49 -6.86
CA TRP A 5 -0.76 1.57 -6.42
C TRP A 5 -2.18 1.18 -6.06
N PHE A 6 -3.03 1.12 -7.03
CA PHE A 6 -4.48 0.92 -6.82
C PHE A 6 -4.84 -0.54 -6.55
N LYS A 7 -3.95 -1.23 -5.93
CA LYS A 7 -4.17 -2.57 -5.53
C LYS A 7 -4.57 -2.52 -4.08
N SER A 8 -5.49 -3.35 -3.72
CA SER A 8 -6.04 -3.37 -2.43
C SER A 8 -5.03 -3.90 -1.45
N CYS A 9 -4.97 -3.30 -0.32
CA CYS A 9 -4.06 -3.66 0.70
C CYS A 9 -4.59 -3.20 2.01
N ASP A 10 -3.89 -3.50 3.02
CA ASP A 10 -4.23 -3.13 4.34
C ASP A 10 -2.99 -2.74 5.07
N PRO A 11 -2.95 -1.54 5.66
CA PRO A 11 -1.76 -1.01 6.36
C PRO A 11 -1.22 -1.92 7.46
N LYS A 12 -2.10 -2.71 8.02
CA LYS A 12 -1.76 -3.62 9.10
C LYS A 12 -1.16 -4.90 8.53
N ASN A 13 -1.23 -5.04 7.24
CA ASN A 13 -0.76 -6.19 6.51
C ASN A 13 -0.15 -5.65 5.23
N ASP A 14 0.65 -4.61 5.40
CA ASP A 14 1.26 -3.89 4.27
C ASP A 14 2.07 -4.82 3.42
N LYS A 15 1.71 -4.85 2.20
CA LYS A 15 2.32 -5.69 1.22
C LYS A 15 2.80 -4.84 0.05
N CYS A 16 3.15 -3.64 0.34
CA CYS A 16 3.64 -2.75 -0.65
C CYS A 16 5.12 -2.90 -0.82
N CYS A 17 5.64 -2.31 -1.86
CA CYS A 17 7.05 -2.31 -2.06
C CYS A 17 7.64 -1.06 -1.46
N LYS A 18 8.87 -0.84 -1.75
CA LYS A 18 9.62 0.27 -1.28
C LYS A 18 9.05 1.56 -1.84
N ASN A 19 8.97 2.60 -0.98
CA ASN A 19 8.51 3.95 -1.35
C ASN A 19 6.98 3.99 -1.50
N TYR A 20 6.36 2.90 -1.14
CA TYR A 20 4.93 2.78 -1.11
C TYR A 20 4.48 2.16 0.19
N THR A 21 3.23 2.31 0.47
CA THR A 21 2.60 1.74 1.63
C THR A 21 1.11 1.87 1.50
N CYS A 22 0.42 0.94 2.00
CA CYS A 22 -0.96 0.94 1.83
C CYS A 22 -1.72 1.70 2.89
N SER A 23 -2.63 2.51 2.42
CA SER A 23 -3.44 3.39 3.21
C SER A 23 -4.63 2.64 3.80
N ARG A 24 -5.28 3.23 4.77
CA ARG A 24 -6.52 2.68 5.33
C ARG A 24 -7.66 3.57 4.83
N ARG A 25 -7.33 4.80 4.46
CA ARG A 25 -8.29 5.72 3.93
C ARG A 25 -8.64 5.25 2.54
N ASP A 26 -7.60 5.03 1.78
CA ASP A 26 -7.71 4.63 0.41
C ASP A 26 -7.70 3.12 0.28
N ARG A 27 -7.14 2.44 1.29
CA ARG A 27 -6.93 0.99 1.31
C ARG A 27 -6.17 0.43 0.09
N TRP A 28 -5.55 1.30 -0.67
CA TRP A 28 -4.70 0.89 -1.74
C TRP A 28 -3.27 1.21 -1.40
N CYS A 29 -2.38 0.78 -2.21
CA CYS A 29 -0.98 1.01 -2.00
C CYS A 29 -0.68 2.42 -2.45
N LYS A 30 -0.48 3.27 -1.52
CA LYS A 30 -0.33 4.63 -1.78
C LYS A 30 1.14 4.98 -1.73
N TYR A 31 1.49 6.04 -2.40
CA TYR A 31 2.86 6.52 -2.46
C TYR A 31 3.26 6.96 -1.06
N TYR A 32 4.42 6.52 -0.63
CA TYR A 32 4.92 6.87 0.67
C TYR A 32 5.46 8.30 0.67
N LEU A 33 5.17 9.02 1.71
CA LEU A 33 5.57 10.41 1.85
C LEU A 33 7.05 10.49 2.23
N NH2 A 34 7.91 10.53 1.25
HN1 NH2 A 34 7.55 10.50 0.34
HN2 NH2 A 34 8.86 10.59 1.46
N ASP A 1 5.69 -11.10 -4.76
CA ASP A 1 6.04 -9.72 -5.14
C ASP A 1 5.17 -8.78 -4.36
N CYS A 2 5.51 -7.51 -4.36
CA CYS A 2 4.75 -6.52 -3.63
C CYS A 2 3.50 -6.06 -4.38
N LEU A 3 2.87 -5.05 -3.84
CA LEU A 3 1.64 -4.50 -4.36
C LEU A 3 1.93 -3.11 -4.87
N GLY A 4 1.29 -2.76 -5.94
CA GLY A 4 1.45 -1.47 -6.45
C GLY A 4 0.38 -0.58 -5.92
N TRP A 5 0.32 0.60 -6.46
CA TRP A 5 -0.47 1.70 -5.93
C TRP A 5 -1.91 1.37 -5.71
N PHE A 6 -2.58 1.13 -6.74
CA PHE A 6 -4.02 0.94 -6.67
C PHE A 6 -4.42 -0.48 -6.38
N LYS A 7 -3.56 -1.21 -5.74
CA LYS A 7 -3.90 -2.53 -5.31
C LYS A 7 -4.30 -2.44 -3.87
N SER A 8 -5.25 -3.21 -3.50
CA SER A 8 -5.76 -3.20 -2.21
C SER A 8 -4.79 -3.89 -1.27
N CYS A 9 -4.59 -3.32 -0.16
CA CYS A 9 -3.66 -3.79 0.81
C CYS A 9 -4.26 -3.66 2.16
N ASP A 10 -3.58 -4.16 3.12
CA ASP A 10 -4.03 -4.16 4.48
C ASP A 10 -3.01 -3.44 5.30
N PRO A 11 -3.40 -2.39 6.02
CA PRO A 11 -2.47 -1.56 6.80
C PRO A 11 -1.68 -2.34 7.88
N LYS A 12 -2.22 -3.43 8.32
CA LYS A 12 -1.59 -4.22 9.35
C LYS A 12 -0.81 -5.37 8.73
N ASN A 13 -0.96 -5.54 7.45
CA ASN A 13 -0.29 -6.60 6.70
C ASN A 13 0.21 -5.98 5.41
N ASP A 14 0.87 -4.85 5.55
CA ASP A 14 1.36 -4.04 4.43
C ASP A 14 2.26 -4.86 3.52
N LYS A 15 1.96 -4.80 2.26
CA LYS A 15 2.65 -5.55 1.25
C LYS A 15 3.09 -4.62 0.13
N CYS A 16 3.32 -3.39 0.48
CA CYS A 16 3.71 -2.39 -0.47
C CYS A 16 5.14 -2.50 -0.91
N CYS A 17 5.38 -2.00 -2.11
CA CYS A 17 6.68 -1.90 -2.65
C CYS A 17 7.43 -0.75 -1.98
N LYS A 18 8.65 -0.58 -2.38
CA LYS A 18 9.51 0.44 -1.86
C LYS A 18 8.94 1.82 -2.18
N ASN A 19 8.94 2.69 -1.16
CA ASN A 19 8.43 4.07 -1.24
C ASN A 19 6.92 4.14 -1.23
N TYR A 20 6.31 3.05 -0.88
CA TYR A 20 4.88 2.97 -0.78
C TYR A 20 4.51 2.41 0.58
N THR A 21 3.28 2.59 0.96
CA THR A 21 2.72 2.12 2.22
C THR A 21 1.22 2.15 2.02
N CYS A 22 0.54 1.13 2.42
CA CYS A 22 -0.83 1.07 2.15
C CYS A 22 -1.69 1.81 3.14
N SER A 23 -2.64 2.51 2.59
CA SER A 23 -3.54 3.34 3.31
C SER A 23 -4.73 2.49 3.75
N ARG A 24 -5.39 2.89 4.81
CA ARG A 24 -6.61 2.23 5.23
C ARG A 24 -7.73 3.05 4.61
N ARG A 25 -7.57 4.36 4.68
CA ARG A 25 -8.51 5.33 4.15
C ARG A 25 -8.79 5.03 2.70
N ASP A 26 -7.73 4.80 1.97
CA ASP A 26 -7.81 4.49 0.58
C ASP A 26 -7.80 2.98 0.35
N ARG A 27 -7.24 2.24 1.31
CA ARG A 27 -7.02 0.81 1.23
C ARG A 27 -6.12 0.33 0.10
N TRP A 28 -5.49 1.25 -0.57
CA TRP A 28 -4.56 0.92 -1.60
C TRP A 28 -3.17 1.30 -1.16
N CYS A 29 -2.22 0.90 -1.92
CA CYS A 29 -0.84 1.14 -1.65
C CYS A 29 -0.50 2.56 -2.05
N LYS A 30 -0.47 3.43 -1.09
CA LYS A 30 -0.32 4.81 -1.33
C LYS A 30 1.16 5.11 -1.37
N TYR A 31 1.56 6.04 -2.20
CA TYR A 31 2.94 6.42 -2.26
C TYR A 31 3.30 7.13 -0.98
N TYR A 32 4.40 6.79 -0.42
CA TYR A 32 4.85 7.38 0.80
C TYR A 32 5.68 8.60 0.51
N LEU A 33 5.30 9.69 1.10
CA LEU A 33 6.01 10.94 0.94
C LEU A 33 6.85 11.21 2.17
N NH2 A 34 8.05 10.71 2.18
HN1 NH2 A 34 8.34 10.21 1.38
HN2 NH2 A 34 8.61 10.84 2.96
N ASP A 1 7.18 -10.17 -3.45
CA ASP A 1 6.45 -9.38 -4.43
C ASP A 1 5.67 -8.31 -3.70
N CYS A 2 5.21 -7.34 -4.42
CA CYS A 2 4.51 -6.25 -3.82
C CYS A 2 3.32 -5.84 -4.67
N LEU A 3 2.84 -4.67 -4.37
CA LEU A 3 1.73 -4.09 -5.04
C LEU A 3 2.23 -2.85 -5.73
N GLY A 4 1.50 -2.36 -6.68
CA GLY A 4 1.92 -1.18 -7.36
C GLY A 4 1.35 0.07 -6.73
N TRP A 5 0.08 0.32 -6.96
CA TRP A 5 -0.56 1.41 -6.38
C TRP A 5 -1.98 1.10 -5.98
N PHE A 6 -2.85 1.13 -6.91
CA PHE A 6 -4.29 1.03 -6.64
C PHE A 6 -4.78 -0.40 -6.34
N LYS A 7 -3.95 -1.16 -5.70
CA LYS A 7 -4.32 -2.47 -5.27
C LYS A 7 -4.70 -2.36 -3.82
N SER A 8 -5.71 -3.04 -3.44
CA SER A 8 -6.21 -3.00 -2.13
C SER A 8 -5.26 -3.73 -1.19
N CYS A 9 -5.09 -3.18 -0.05
CA CYS A 9 -4.19 -3.72 0.94
C CYS A 9 -4.68 -3.36 2.30
N ASP A 10 -4.04 -3.91 3.26
CA ASP A 10 -4.36 -3.66 4.64
C ASP A 10 -3.12 -3.13 5.29
N PRO A 11 -3.15 -1.90 5.78
CA PRO A 11 -1.97 -1.21 6.38
C PRO A 11 -1.21 -2.01 7.45
N LYS A 12 -1.88 -2.93 8.10
CA LYS A 12 -1.26 -3.75 9.13
C LYS A 12 -0.60 -4.96 8.50
N ASN A 13 -0.95 -5.22 7.28
CA ASN A 13 -0.50 -6.35 6.52
C ASN A 13 0.00 -5.80 5.19
N ASP A 14 0.79 -4.75 5.29
CA ASP A 14 1.31 -4.04 4.12
C ASP A 14 2.09 -4.96 3.21
N LYS A 15 1.72 -4.93 1.98
CA LYS A 15 2.35 -5.73 0.95
C LYS A 15 2.94 -4.82 -0.14
N CYS A 16 3.31 -3.64 0.25
CA CYS A 16 3.81 -2.66 -0.67
C CYS A 16 5.30 -2.74 -0.89
N CYS A 17 5.73 -2.21 -2.02
CA CYS A 17 7.12 -2.12 -2.34
C CYS A 17 7.73 -0.94 -1.64
N LYS A 18 8.95 -0.70 -1.95
CA LYS A 18 9.73 0.32 -1.33
C LYS A 18 9.16 1.70 -1.54
N ASN A 19 8.94 2.39 -0.43
CA ASN A 19 8.50 3.79 -0.37
C ASN A 19 7.02 3.93 -0.69
N TYR A 20 6.36 2.83 -0.64
CA TYR A 20 4.94 2.76 -0.77
C TYR A 20 4.42 2.13 0.50
N THR A 21 3.20 2.37 0.79
CA THR A 21 2.57 1.86 1.99
C THR A 21 1.08 1.90 1.76
N CYS A 22 0.42 0.87 2.09
CA CYS A 22 -0.96 0.84 1.90
C CYS A 22 -1.70 1.64 2.94
N SER A 23 -2.55 2.49 2.43
CA SER A 23 -3.31 3.43 3.19
C SER A 23 -4.55 2.77 3.80
N ARG A 24 -5.18 3.42 4.75
CA ARG A 24 -6.42 2.93 5.32
C ARG A 24 -7.57 3.78 4.83
N ARG A 25 -7.29 5.03 4.52
CA ARG A 25 -8.28 5.92 4.00
C ARG A 25 -8.56 5.50 2.56
N ASP A 26 -7.48 5.31 1.83
CA ASP A 26 -7.56 4.96 0.44
C ASP A 26 -7.59 3.45 0.30
N ARG A 27 -7.05 2.75 1.31
CA ARG A 27 -6.88 1.32 1.33
C ARG A 27 -6.07 0.71 0.19
N TRP A 28 -5.44 1.52 -0.60
CA TRP A 28 -4.59 1.02 -1.64
C TRP A 28 -3.16 1.28 -1.29
N CYS A 29 -2.27 0.76 -2.08
CA CYS A 29 -0.85 0.90 -1.91
C CYS A 29 -0.46 2.29 -2.37
N LYS A 30 -0.38 3.20 -1.46
CA LYS A 30 -0.15 4.54 -1.79
C LYS A 30 1.31 4.88 -1.56
N TYR A 31 1.82 5.79 -2.36
CA TYR A 31 3.19 6.21 -2.26
C TYR A 31 3.40 6.94 -0.95
N TYR A 32 4.45 6.62 -0.25
CA TYR A 32 4.71 7.26 0.99
C TYR A 32 5.59 8.46 0.74
N LEU A 33 5.01 9.59 0.90
CA LEU A 33 5.65 10.85 0.57
C LEU A 33 6.63 11.26 1.66
N NH2 A 34 6.11 11.79 2.74
HN1 NH2 A 34 5.13 11.89 2.78
HN2 NH2 A 34 6.70 12.10 3.46
N ASP A 1 7.79 -10.01 -4.22
CA ASP A 1 6.57 -9.52 -4.88
C ASP A 1 5.89 -8.55 -3.96
N CYS A 2 5.11 -7.67 -4.53
CA CYS A 2 4.44 -6.69 -3.76
C CYS A 2 3.15 -6.30 -4.44
N LEU A 3 2.61 -5.21 -3.99
CA LEU A 3 1.40 -4.67 -4.51
C LEU A 3 1.71 -3.34 -5.12
N GLY A 4 0.89 -2.94 -6.06
CA GLY A 4 1.07 -1.69 -6.65
C GLY A 4 0.12 -0.72 -6.03
N TRP A 5 0.09 0.45 -6.58
CA TRP A 5 -0.57 1.61 -5.99
C TRP A 5 -2.01 1.38 -5.68
N PHE A 6 -2.76 1.18 -6.67
CA PHE A 6 -4.20 1.12 -6.53
C PHE A 6 -4.67 -0.27 -6.18
N LYS A 7 -3.77 -1.10 -5.72
CA LYS A 7 -4.14 -2.41 -5.35
C LYS A 7 -4.54 -2.41 -3.92
N SER A 8 -5.53 -3.15 -3.65
CA SER A 8 -6.11 -3.28 -2.39
C SER A 8 -5.12 -3.94 -1.44
N CYS A 9 -5.01 -3.38 -0.31
CA CYS A 9 -4.15 -3.89 0.71
C CYS A 9 -4.79 -3.63 2.02
N ASP A 10 -4.15 -4.05 3.04
CA ASP A 10 -4.58 -3.83 4.38
C ASP A 10 -3.41 -3.29 5.13
N PRO A 11 -3.57 -2.13 5.78
CA PRO A 11 -2.47 -1.42 6.46
C PRO A 11 -1.73 -2.27 7.50
N LYS A 12 -2.40 -3.25 8.01
CA LYS A 12 -1.88 -4.09 9.06
C LYS A 12 -1.21 -5.33 8.45
N ASN A 13 -1.42 -5.52 7.17
CA ASN A 13 -0.93 -6.69 6.44
C ASN A 13 -0.26 -6.17 5.17
N ASP A 14 0.50 -5.12 5.37
CA ASP A 14 1.14 -4.37 4.29
C ASP A 14 2.01 -5.25 3.41
N LYS A 15 1.73 -5.18 2.14
CA LYS A 15 2.42 -5.92 1.12
C LYS A 15 2.97 -4.98 0.05
N CYS A 16 3.21 -3.76 0.42
CA CYS A 16 3.67 -2.76 -0.51
C CYS A 16 5.15 -2.85 -0.81
N CYS A 17 5.52 -2.44 -2.01
CA CYS A 17 6.89 -2.30 -2.38
C CYS A 17 7.46 -1.06 -1.73
N LYS A 18 8.69 -0.83 -2.04
CA LYS A 18 9.48 0.26 -1.52
C LYS A 18 8.83 1.61 -1.80
N ASN A 19 8.87 2.48 -0.80
CA ASN A 19 8.39 3.89 -0.87
C ASN A 19 6.86 3.94 -0.95
N TYR A 20 6.25 2.84 -0.69
CA TYR A 20 4.82 2.70 -0.64
C TYR A 20 4.43 2.08 0.67
N THR A 21 3.21 2.24 1.02
CA THR A 21 2.65 1.74 2.25
C THR A 21 1.15 1.68 2.04
N CYS A 22 0.48 0.66 2.44
CA CYS A 22 -0.89 0.65 2.21
C CYS A 22 -1.67 1.36 3.28
N SER A 23 -2.54 2.23 2.81
CA SER A 23 -3.33 3.08 3.63
C SER A 23 -4.59 2.33 4.07
N ARG A 24 -5.25 2.85 5.08
CA ARG A 24 -6.52 2.31 5.50
C ARG A 24 -7.56 3.16 4.80
N ARG A 25 -7.34 4.48 4.88
CA ARG A 25 -8.18 5.50 4.28
C ARG A 25 -8.50 5.13 2.85
N ASP A 26 -7.46 4.90 2.10
CA ASP A 26 -7.58 4.57 0.73
C ASP A 26 -7.62 3.08 0.52
N ARG A 27 -7.13 2.31 1.51
CA ARG A 27 -6.95 0.88 1.40
C ARG A 27 -6.16 0.39 0.20
N TRP A 28 -5.45 1.29 -0.43
CA TRP A 28 -4.59 0.94 -1.49
C TRP A 28 -3.16 1.17 -1.07
N CYS A 29 -2.25 0.81 -1.90
CA CYS A 29 -0.86 0.96 -1.62
C CYS A 29 -0.45 2.38 -1.96
N LYS A 30 -0.47 3.22 -0.97
CA LYS A 30 -0.29 4.61 -1.14
C LYS A 30 1.19 4.94 -1.16
N TYR A 31 1.54 5.84 -2.04
CA TYR A 31 2.90 6.31 -2.19
C TYR A 31 3.30 7.05 -0.93
N TYR A 32 4.38 6.68 -0.34
CA TYR A 32 4.84 7.36 0.83
C TYR A 32 5.69 8.53 0.43
N LEU A 33 5.23 9.68 0.76
CA LEU A 33 5.92 10.90 0.48
C LEU A 33 6.46 11.45 1.80
N NH2 A 34 7.59 10.97 2.22
HN1 NH2 A 34 8.05 10.32 1.64
HN2 NH2 A 34 7.95 11.28 3.08
N ASP A 1 6.44 -10.58 -3.22
CA ASP A 1 5.86 -9.62 -4.15
C ASP A 1 5.40 -8.41 -3.40
N CYS A 2 5.14 -7.36 -4.12
CA CYS A 2 4.67 -6.14 -3.53
C CYS A 2 3.53 -5.61 -4.34
N LEU A 3 3.09 -4.45 -3.99
CA LEU A 3 1.96 -3.85 -4.62
C LEU A 3 2.39 -2.61 -5.31
N GLY A 4 1.59 -2.19 -6.25
CA GLY A 4 1.87 -0.99 -6.92
C GLY A 4 1.25 0.18 -6.23
N TRP A 5 0.17 0.68 -6.77
CA TRP A 5 -0.49 1.75 -6.17
C TRP A 5 -1.91 1.36 -5.82
N PHE A 6 -2.68 1.15 -6.80
CA PHE A 6 -4.11 0.94 -6.63
C PHE A 6 -4.45 -0.50 -6.30
N LYS A 7 -3.52 -1.22 -5.75
CA LYS A 7 -3.80 -2.56 -5.34
C LYS A 7 -4.26 -2.54 -3.91
N SER A 8 -5.15 -3.43 -3.60
CA SER A 8 -5.76 -3.51 -2.34
C SER A 8 -4.75 -4.00 -1.31
N CYS A 9 -4.73 -3.37 -0.20
CA CYS A 9 -3.88 -3.71 0.87
C CYS A 9 -4.59 -3.44 2.16
N ASP A 10 -3.93 -3.73 3.20
CA ASP A 10 -4.45 -3.53 4.52
C ASP A 10 -3.32 -3.03 5.36
N PRO A 11 -3.49 -1.93 6.09
CA PRO A 11 -2.42 -1.34 6.92
C PRO A 11 -1.78 -2.32 7.91
N LYS A 12 -2.54 -3.31 8.30
CA LYS A 12 -2.08 -4.29 9.27
C LYS A 12 -1.47 -5.49 8.58
N ASN A 13 -1.51 -5.49 7.27
CA ASN A 13 -0.97 -6.58 6.48
C ASN A 13 -0.38 -5.99 5.21
N ASP A 14 0.39 -4.95 5.42
CA ASP A 14 1.01 -4.17 4.34
C ASP A 14 1.84 -5.05 3.40
N LYS A 15 1.57 -4.89 2.14
CA LYS A 15 2.21 -5.64 1.08
C LYS A 15 2.86 -4.66 0.10
N CYS A 16 3.11 -3.47 0.55
CA CYS A 16 3.62 -2.43 -0.31
C CYS A 16 5.06 -2.58 -0.69
N CYS A 17 5.44 -1.81 -1.69
CA CYS A 17 6.74 -1.90 -2.24
C CYS A 17 7.55 -0.69 -1.83
N LYS A 18 8.64 -0.51 -2.52
CA LYS A 18 9.59 0.53 -2.27
C LYS A 18 8.99 1.91 -2.46
N ASN A 19 8.99 2.72 -1.38
CA ASN A 19 8.52 4.13 -1.37
C ASN A 19 6.98 4.19 -1.42
N TYR A 20 6.38 3.09 -1.07
CA TYR A 20 4.95 2.97 -0.95
C TYR A 20 4.59 2.38 0.40
N THR A 21 3.35 2.53 0.79
CA THR A 21 2.80 2.00 2.05
C THR A 21 1.29 2.03 1.89
N CYS A 22 0.58 1.07 2.40
CA CYS A 22 -0.81 1.08 2.14
C CYS A 22 -1.63 1.89 3.13
N SER A 23 -2.57 2.59 2.57
CA SER A 23 -3.46 3.49 3.25
C SER A 23 -4.62 2.73 3.89
N ARG A 24 -5.32 3.39 4.77
CA ARG A 24 -6.52 2.86 5.37
C ARG A 24 -7.72 3.59 4.79
N ARG A 25 -7.50 4.84 4.47
CA ARG A 25 -8.49 5.67 3.87
C ARG A 25 -8.81 5.11 2.51
N ASP A 26 -7.77 4.91 1.75
CA ASP A 26 -7.85 4.46 0.41
C ASP A 26 -7.73 2.95 0.34
N ARG A 27 -7.06 2.37 1.36
CA ARG A 27 -6.72 0.95 1.44
C ARG A 27 -5.90 0.43 0.24
N TRP A 28 -5.37 1.33 -0.55
CA TRP A 28 -4.50 0.94 -1.60
C TRP A 28 -3.07 1.25 -1.22
N CYS A 29 -2.16 0.83 -2.03
CA CYS A 29 -0.75 1.04 -1.78
C CYS A 29 -0.41 2.46 -2.20
N LYS A 30 -0.41 3.33 -1.25
CA LYS A 30 -0.30 4.72 -1.48
C LYS A 30 1.17 5.11 -1.44
N TYR A 31 1.55 5.99 -2.35
CA TYR A 31 2.91 6.52 -2.43
C TYR A 31 3.29 7.12 -1.10
N TYR A 32 4.39 6.71 -0.55
CA TYR A 32 4.80 7.17 0.73
C TYR A 32 5.73 8.36 0.59
N LEU A 33 5.51 9.35 1.40
CA LEU A 33 6.31 10.54 1.37
C LEU A 33 7.45 10.40 2.36
N NH2 A 34 8.52 9.78 1.94
HN1 NH2 A 34 8.51 9.48 1.00
HN2 NH2 A 34 9.26 9.63 2.56
#